data_7AL3
#
_entry.id   7AL3
#
loop_
_entity.id
_entity.type
_entity.pdbx_description
1 polymer 'Genome polyprotein'
2 polymer 'Genome polyprotein'
3 polymer 'Genome polyprotein'
#
loop_
_entity_poly.entity_id
_entity_poly.type
_entity_poly.pdbx_seq_one_letter_code
_entity_poly.pdbx_strand_id
1 'polypeptide(L)'
;GEESRNTTVLDTTTTLQSSGFGRAFFGEAFNDLKTLMRRYQLYGQLLLSVTTDKDIDHCMFTFPCLPQGLALDIGSAGSP
HEIFNRCRDGIIPLIASGYRFYRGDLRYKIVFPSNVNSNIWVQHRPDRRLEGWSAAKIVNCDAVSTGQGVYNHGYASHIQ
ITRVNNVIELEVPFYNATCYNYLQAFNASSAASSYAVSLGEISVGFQATSDDIASIVNKPVTIYYSIGDGMQFSQWVGYQ
PMMILDQLPAPVVRAVPE
;
A
2 'polypeptide(L)'
;MDNPNPGPDGEGEVELEKDSNVVLTTQRDPSTSIPAPVSVKWSRWTSNDVVDDYATITSRWYQIAEFVWSKDDPFDKELA
RLILPRALLSSIEANSDAICDVPNTIPFKVHAYWRGDMEVRVQINSNKFQVGQLQATWYYSDHENLNISSKRSVYGFSQM
DHALISASASNEAKLVIPFKHVYPFLPTRIVPDWTTGILDMGALNIRVIAPLRMSATGPTTCNVVVFIKLNNSEFTGTSS
GKFYASQIRAKPE
;
B
3 'polypeptide(L)'
;DNPSYQQSPRHFVPTGMHSLALGTNLVEPLHALRLDAAGTTQHPVGCAPDEDMTVSSIASRYGLIRRVQWKKDHAKGSLL
LQLDADPFVEQRIEGTNPISLYWFAPVGVVSSMFMQWRGSLEYRFDIIASQFHTGRLIVGYVPGLTASLQLQMDYMKLKS
SSYVVFDLQESNSFTFEVPYVSYRPWWVRKYGGNYLPSSTDAPSTLFMYVQVPLIPMEAVSDTIDINVYVRGGSSFEVCV
PVQPSLGLNWNTDFILRNDEEYRAKTGYAPYYAGVWHSFNNSNSLVFRWGSASDQIAQWPTISVPRGELAFLRIKDGKQA
AVGTQPWRTMVVWPSGHGYNIGIPTYNAERARQLAQHLYGGGSLTDEKAKQLFVPANQQGPGKVSNGNPVWEVMRAPLAT
QRAHIQDFEFIEAIPE
;
C
#
# COMPACT_ATOMS: atom_id res chain seq x y z
N GLU A 2 -13.90 17.58 -11.63
CA GLU A 2 -12.50 17.58 -11.27
C GLU A 2 -12.41 17.30 -9.79
N GLU A 3 -11.31 16.67 -9.36
CA GLU A 3 -11.17 16.34 -7.95
C GLU A 3 -10.96 17.58 -7.09
N SER A 4 -9.86 18.29 -7.32
CA SER A 4 -9.42 19.33 -6.39
C SER A 4 -10.10 20.67 -6.60
N ARG A 5 -11.23 20.72 -7.30
CA ARG A 5 -11.96 21.97 -7.49
C ARG A 5 -12.57 22.44 -6.18
N ASN A 6 -13.07 23.66 -6.21
CA ASN A 6 -13.62 24.29 -5.01
C ASN A 6 -14.77 25.18 -5.48
N THR A 7 -16.00 24.73 -5.23
CA THR A 7 -17.15 25.41 -5.81
C THR A 7 -17.47 26.70 -5.08
N THR A 8 -17.70 26.62 -3.77
CA THR A 8 -18.10 27.80 -3.01
C THR A 8 -17.50 27.68 -1.62
N VAL A 9 -16.55 28.55 -1.32
CA VAL A 9 -15.98 28.56 0.02
C VAL A 9 -16.94 29.26 0.96
N LEU A 10 -17.20 28.65 2.11
CA LEU A 10 -18.07 29.21 3.12
C LEU A 10 -17.35 29.26 4.45
N ASP A 11 -16.15 29.86 4.42
CA ASP A 11 -15.29 29.91 5.58
C ASP A 11 -15.87 30.78 6.69
N THR A 12 -15.73 30.30 7.92
CA THR A 12 -16.02 31.07 9.11
C THR A 12 -14.74 31.55 9.80
N THR A 13 -13.59 31.00 9.43
CA THR A 13 -12.38 31.11 10.26
C THR A 13 -11.61 32.39 10.00
N THR A 14 -10.95 32.88 11.03
CA THR A 14 -9.84 33.80 10.82
C THR A 14 -8.63 33.00 10.40
N THR A 15 -7.64 33.70 9.86
CA THR A 15 -6.46 33.03 9.35
C THR A 15 -5.59 32.53 10.50
N LEU A 16 -5.31 31.23 10.49
CA LEU A 16 -4.52 30.62 11.53
C LEU A 16 -3.05 30.98 11.35
N GLN A 17 -2.36 31.15 12.47
CA GLN A 17 -0.91 31.19 12.41
C GLN A 17 -0.40 29.80 12.07
N SER A 18 0.29 29.68 10.96
CA SER A 18 0.98 28.44 10.66
C SER A 18 2.21 28.32 11.54
N SER A 19 2.46 27.11 12.03
CA SER A 19 3.69 26.87 12.77
C SER A 19 4.87 26.64 11.86
N GLY A 20 4.67 26.66 10.55
CA GLY A 20 5.73 26.25 9.65
C GLY A 20 6.04 24.78 9.76
N PHE A 21 5.00 23.95 10.00
CA PHE A 21 5.11 22.50 10.08
C PHE A 21 6.07 22.07 11.18
N GLY A 22 5.88 22.65 12.36
CA GLY A 22 6.64 22.26 13.53
C GLY A 22 7.99 22.95 13.68
N ARG A 23 8.41 23.70 12.67
CA ARG A 23 9.67 24.44 12.76
C ARG A 23 9.65 25.46 13.89
N ALA A 24 8.50 26.07 14.15
CA ALA A 24 8.41 27.06 15.20
C ALA A 24 8.45 26.42 16.59
N PHE A 25 7.74 25.33 16.80
CA PHE A 25 7.79 24.69 18.10
C PHE A 25 9.03 23.84 18.25
N PHE A 26 9.12 22.81 17.43
CA PHE A 26 10.05 21.74 17.67
C PHE A 26 11.40 21.96 17.00
N GLY A 27 11.55 23.06 16.27
CA GLY A 27 12.81 23.36 15.62
C GLY A 27 13.10 22.56 14.38
N GLU A 28 12.08 22.06 13.69
CA GLU A 28 12.29 21.19 12.54
C GLU A 28 11.01 21.08 11.71
N ALA A 29 11.18 21.06 10.39
CA ALA A 29 10.05 20.98 9.47
C ALA A 29 9.68 19.54 9.22
N PHE A 30 8.43 19.34 8.77
CA PHE A 30 7.93 18.02 8.45
C PHE A 30 7.06 18.00 7.21
N ASN A 31 6.92 19.14 6.52
CA ASN A 31 6.04 19.21 5.36
C ASN A 31 6.54 18.33 4.25
N ASP A 32 7.84 18.35 4.00
CA ASP A 32 8.48 17.44 3.07
C ASP A 32 8.44 16.04 3.67
N LEU A 33 7.74 15.16 2.98
CA LEU A 33 7.62 13.79 3.46
C LEU A 33 8.84 12.97 3.10
N LYS A 34 9.62 13.46 2.12
CA LYS A 34 10.84 12.78 1.70
C LYS A 34 11.86 12.76 2.82
N THR A 35 11.92 13.81 3.62
CA THR A 35 12.85 13.84 4.73
C THR A 35 12.37 12.98 5.88
N LEU A 36 11.11 12.54 5.87
CA LEU A 36 10.69 11.52 6.80
C LEU A 36 11.02 10.15 6.26
N MET A 37 11.04 10.00 4.94
CA MET A 37 11.21 8.69 4.32
C MET A 37 12.59 8.12 4.61
N ARG A 38 13.57 8.99 4.84
CA ARG A 38 14.94 8.58 5.11
C ARG A 38 15.14 8.15 6.55
N ARG A 39 14.12 8.28 7.39
CA ARG A 39 14.13 7.57 8.66
C ARG A 39 14.02 6.08 8.41
N TYR A 40 14.90 5.31 9.02
CA TYR A 40 14.94 3.88 8.79
C TYR A 40 13.72 3.17 9.36
N GLN A 41 13.34 2.10 8.67
CA GLN A 41 12.22 1.24 9.04
C GLN A 41 12.68 -0.19 8.87
N LEU A 42 12.18 -1.07 9.73
CA LEU A 42 12.44 -2.50 9.60
C LEU A 42 11.93 -3.02 8.26
N TYR A 43 12.81 -3.70 7.54
CA TYR A 43 12.48 -4.25 6.23
C TYR A 43 12.00 -5.69 6.35
N GLY A 44 12.80 -6.56 6.95
CA GLY A 44 12.36 -7.92 7.17
C GLY A 44 13.32 -8.69 8.06
N GLN A 45 12.79 -9.31 9.10
CA GLN A 45 13.58 -10.03 10.08
C GLN A 45 13.47 -11.53 9.86
N LEU A 46 14.60 -12.21 9.83
CA LEU A 46 14.60 -13.63 9.57
C LEU A 46 15.26 -14.36 10.73
N LEU A 47 15.16 -15.69 10.68
CA LEU A 47 15.84 -16.57 11.60
C LEU A 47 16.71 -17.51 10.77
N LEU A 48 17.99 -17.59 11.12
CA LEU A 48 18.92 -18.42 10.36
C LEU A 48 18.58 -19.89 10.52
N SER A 49 18.74 -20.65 9.44
CA SER A 49 18.38 -22.07 9.47
C SER A 49 19.31 -22.80 8.50
N VAL A 50 20.23 -23.58 9.04
CA VAL A 50 21.16 -24.34 8.21
C VAL A 50 20.47 -25.59 7.70
N THR A 51 20.36 -25.71 6.37
CA THR A 51 19.72 -26.85 5.76
C THR A 51 20.80 -27.84 5.39
N THR A 52 21.73 -27.48 4.50
CA THR A 52 22.81 -28.39 4.13
C THR A 52 24.09 -27.96 4.82
N ASP A 53 25.08 -28.84 4.79
CA ASP A 53 26.44 -28.46 5.18
C ASP A 53 26.99 -27.59 4.06
N LYS A 54 26.69 -26.29 4.18
CA LYS A 54 26.86 -25.36 3.08
C LYS A 54 28.33 -25.09 2.81
N ASP A 55 28.66 -24.90 1.55
CA ASP A 55 29.97 -24.43 1.17
C ASP A 55 30.12 -22.96 1.57
N ILE A 56 31.38 -22.50 1.60
CA ILE A 56 31.69 -21.11 1.89
C ILE A 56 31.11 -20.18 0.82
N ASP A 57 30.96 -20.69 -0.40
CA ASP A 57 30.37 -19.89 -1.47
C ASP A 57 28.89 -19.65 -1.27
N HIS A 58 28.22 -20.48 -0.47
CA HIS A 58 26.76 -20.49 -0.45
C HIS A 58 26.19 -19.25 0.21
N CYS A 59 25.26 -18.62 -0.49
CA CYS A 59 24.48 -17.54 0.09
C CYS A 59 23.62 -18.09 1.21
N MET A 60 23.56 -17.36 2.31
CA MET A 60 22.74 -17.85 3.40
C MET A 60 21.29 -17.42 3.22
N PHE A 61 21.07 -16.20 2.74
CA PHE A 61 19.73 -15.85 2.32
C PHE A 61 19.80 -14.81 1.22
N THR A 62 18.80 -14.85 0.34
CA THR A 62 18.66 -13.91 -0.75
C THR A 62 17.34 -13.20 -0.60
N PHE A 63 17.26 -11.96 -1.04
CA PHE A 63 16.00 -11.24 -0.99
C PHE A 63 15.98 -10.15 -2.05
N PRO A 64 14.84 -9.93 -2.70
CA PRO A 64 14.74 -8.82 -3.64
C PRO A 64 14.72 -7.50 -2.90
N CYS A 65 15.16 -6.46 -3.57
CA CYS A 65 15.40 -5.17 -2.95
C CYS A 65 14.45 -4.13 -3.56
N LEU A 66 13.58 -3.58 -2.73
CA LEU A 66 12.52 -2.73 -3.21
C LEU A 66 11.99 -1.83 -2.10
N PRO A 67 11.53 -0.63 -2.44
CA PRO A 67 11.01 0.27 -1.39
C PRO A 67 9.56 0.02 -1.11
N GLN A 68 8.97 -1.00 -1.73
CA GLN A 68 7.54 -1.21 -1.59
C GLN A 68 7.20 -1.85 -0.26
N GLY A 69 8.21 -2.30 0.48
CA GLY A 69 7.96 -3.20 1.60
C GLY A 69 7.75 -4.62 1.14
N LEU A 70 8.18 -5.56 1.97
CA LEU A 70 8.14 -6.95 1.55
C LEU A 70 6.72 -7.50 1.56
N ALA A 71 6.58 -8.65 0.92
CA ALA A 71 5.45 -9.51 1.23
C ALA A 71 5.51 -9.83 2.71
N LEU A 72 4.53 -9.33 3.44
CA LEU A 72 4.64 -9.23 4.89
C LEU A 72 4.55 -10.60 5.53
N ASP A 73 5.63 -10.99 6.19
CA ASP A 73 5.74 -12.30 6.83
C ASP A 73 5.40 -12.09 8.30
N ILE A 74 4.17 -12.42 8.67
CA ILE A 74 3.78 -12.43 10.07
C ILE A 74 4.57 -13.51 10.80
N SER A 79 4.23 -19.40 16.13
CA SER A 79 5.16 -18.36 16.55
C SER A 79 5.20 -17.27 15.49
N PRO A 80 4.38 -16.24 15.65
CA PRO A 80 4.45 -15.11 14.73
C PRO A 80 5.49 -14.10 15.17
N HIS A 81 5.97 -13.32 14.22
CA HIS A 81 6.80 -12.17 14.55
C HIS A 81 5.89 -11.10 15.12
N GLU A 82 6.13 -10.72 16.38
CA GLU A 82 5.15 -9.91 17.11
C GLU A 82 5.06 -8.50 16.54
N ILE A 83 6.09 -8.04 15.84
CA ILE A 83 5.99 -6.76 15.15
C ILE A 83 5.07 -6.87 13.94
N PHE A 84 5.30 -7.87 13.08
CA PHE A 84 4.47 -7.96 11.89
C PHE A 84 3.12 -8.58 12.20
N ASN A 85 2.99 -9.22 13.35
CA ASN A 85 1.66 -9.56 13.79
C ASN A 85 0.96 -8.33 14.34
N ARG A 86 1.70 -7.46 15.01
CA ARG A 86 1.11 -6.39 15.79
C ARG A 86 1.22 -5.05 15.06
N CYS A 87 2.43 -4.61 14.72
CA CYS A 87 2.62 -3.30 14.08
C CYS A 87 2.65 -3.50 12.57
N ARG A 88 1.50 -3.27 11.96
CA ARG A 88 1.34 -3.60 10.55
C ARG A 88 2.03 -2.54 9.68
N ASP A 89 2.90 -3.02 8.79
CA ASP A 89 3.44 -2.34 7.61
C ASP A 89 4.42 -1.20 7.85
N GLY A 90 4.43 -0.60 9.03
CA GLY A 90 5.20 0.61 9.24
C GLY A 90 4.82 1.77 8.35
N ILE A 91 5.83 2.60 8.04
CA ILE A 91 5.56 3.89 7.39
C ILE A 91 5.68 3.78 5.88
N ILE A 92 6.81 3.28 5.41
CA ILE A 92 7.21 3.51 4.04
C ILE A 92 6.33 2.80 3.00
N PRO A 93 5.81 1.59 3.23
CA PRO A 93 4.79 1.13 2.29
C PRO A 93 3.45 1.81 2.49
N LEU A 94 3.23 2.46 3.63
CA LEU A 94 1.98 3.19 3.77
C LEU A 94 2.02 4.48 2.95
N ILE A 95 3.19 5.11 2.84
CA ILE A 95 3.30 6.20 1.88
C ILE A 95 3.35 5.65 0.47
N ALA A 96 4.06 4.54 0.29
CA ALA A 96 4.29 4.00 -1.05
C ALA A 96 3.03 3.39 -1.64
N SER A 97 2.01 3.18 -0.82
CA SER A 97 0.69 2.90 -1.35
C SER A 97 0.14 4.06 -2.17
N GLY A 98 0.54 5.28 -1.84
CA GLY A 98 0.00 6.44 -2.50
C GLY A 98 0.66 6.86 -3.79
N TYR A 99 1.51 6.04 -4.37
CA TYR A 99 2.18 6.40 -5.61
C TYR A 99 2.35 5.16 -6.47
N ARG A 100 1.96 5.24 -7.74
CA ARG A 100 2.04 4.07 -8.59
C ARG A 100 3.47 3.73 -8.98
N PHE A 101 4.34 4.73 -9.10
CA PHE A 101 5.70 4.43 -9.52
C PHE A 101 6.69 5.10 -8.58
N TYR A 102 7.96 4.76 -8.78
CA TYR A 102 9.06 5.36 -8.02
C TYR A 102 10.30 5.28 -8.89
N ARG A 103 11.32 6.02 -8.50
CA ARG A 103 12.64 5.88 -9.10
C ARG A 103 13.72 6.42 -8.17
N GLY A 104 14.65 5.59 -7.73
CA GLY A 104 15.70 6.15 -6.89
C GLY A 104 16.42 5.09 -6.08
N ASP A 105 17.30 5.58 -5.21
CA ASP A 105 18.17 4.70 -4.47
C ASP A 105 17.46 4.14 -3.25
N LEU A 106 18.14 3.20 -2.59
CA LEU A 106 17.73 2.69 -1.30
C LEU A 106 18.97 2.49 -0.43
N ARG A 107 18.77 2.57 0.87
CA ARG A 107 19.79 2.34 1.86
C ARG A 107 19.39 1.13 2.69
N TYR A 108 20.36 0.38 3.21
CA TYR A 108 19.91 -0.82 3.88
C TYR A 108 20.29 -0.99 5.35
N LYS A 109 21.59 -0.95 5.66
CA LYS A 109 22.10 -1.08 7.04
C LYS A 109 21.64 -2.41 7.67
N ILE A 110 22.14 -3.51 7.12
CA ILE A 110 21.77 -4.83 7.64
C ILE A 110 22.49 -5.08 8.95
N VAL A 111 21.75 -5.53 9.96
CA VAL A 111 22.29 -5.75 11.29
C VAL A 111 22.37 -7.26 11.53
N PHE A 112 23.52 -7.72 12.03
CA PHE A 112 23.80 -9.12 12.24
C PHE A 112 23.89 -9.43 13.74
N PRO A 113 23.65 -10.69 14.15
CA PRO A 113 23.64 -10.97 15.59
C PRO A 113 25.05 -10.96 16.19
N SER A 114 25.09 -11.25 17.48
CA SER A 114 26.34 -11.10 18.22
C SER A 114 27.21 -12.33 18.15
N ASN A 115 26.60 -13.52 18.24
CA ASN A 115 27.38 -14.75 18.36
C ASN A 115 28.01 -15.17 17.05
N VAL A 116 27.64 -14.55 15.93
CA VAL A 116 28.33 -14.80 14.69
C VAL A 116 29.68 -14.08 14.72
N ASN A 117 30.67 -14.64 14.02
CA ASN A 117 31.99 -14.04 13.94
C ASN A 117 32.50 -14.02 12.51
N SER A 118 31.94 -14.87 11.66
CA SER A 118 32.45 -15.08 10.33
C SER A 118 32.25 -13.86 9.44
N ASN A 119 33.03 -13.80 8.37
CA ASN A 119 32.96 -12.69 7.45
C ASN A 119 31.72 -12.79 6.59
N ILE A 120 31.22 -11.64 6.16
CA ILE A 120 29.93 -11.54 5.49
C ILE A 120 30.12 -10.90 4.13
N TRP A 121 29.65 -11.57 3.09
CA TRP A 121 29.62 -10.97 1.77
C TRP A 121 28.18 -10.70 1.35
N VAL A 122 28.02 -9.57 0.68
CA VAL A 122 26.73 -8.99 0.32
C VAL A 122 26.78 -8.60 -1.14
N GLN A 123 25.78 -9.02 -1.92
CA GLN A 123 25.72 -8.79 -3.35
C GLN A 123 24.49 -7.99 -3.74
N HIS A 124 24.67 -7.15 -4.76
CA HIS A 124 23.58 -6.59 -5.55
C HIS A 124 23.54 -7.31 -6.88
N ARG A 125 22.37 -7.79 -7.28
CA ARG A 125 22.19 -8.48 -8.54
C ARG A 125 21.07 -7.84 -9.34
N PRO A 126 21.39 -6.89 -10.21
CA PRO A 126 20.33 -6.30 -11.03
C PRO A 126 19.83 -7.21 -12.14
N ASP A 127 20.42 -8.40 -12.30
CA ASP A 127 19.90 -9.36 -13.27
C ASP A 127 18.59 -9.97 -12.82
N ARG A 128 18.36 -10.08 -11.52
CA ARG A 128 17.24 -10.88 -11.04
C ARG A 128 15.94 -10.13 -11.17
N ARG A 129 14.96 -10.77 -11.78
CA ARG A 129 13.62 -10.25 -11.88
C ARG A 129 12.84 -10.62 -10.64
N LEU A 130 11.61 -10.13 -10.55
CA LEU A 130 10.74 -10.53 -9.47
C LEU A 130 9.48 -11.19 -10.03
N GLU A 131 9.35 -12.50 -9.79
CA GLU A 131 8.25 -13.28 -10.36
C GLU A 131 7.11 -13.33 -9.35
N GLY A 132 6.16 -12.41 -9.51
CA GLY A 132 4.97 -12.40 -8.69
C GLY A 132 5.21 -11.85 -7.30
N TRP A 133 4.10 -11.45 -6.66
CA TRP A 133 4.18 -10.95 -5.30
C TRP A 133 4.48 -12.06 -4.31
N SER A 134 4.05 -13.27 -4.60
CA SER A 134 4.57 -14.40 -3.86
C SER A 134 6.01 -14.66 -4.29
N ALA A 135 6.79 -15.22 -3.37
CA ALA A 135 8.26 -15.30 -3.45
C ALA A 135 8.89 -13.93 -3.72
N ALA A 136 8.32 -12.89 -3.12
CA ALA A 136 8.95 -11.58 -3.07
C ALA A 136 9.30 -11.28 -1.62
N LYS A 137 9.78 -12.29 -0.92
CA LYS A 137 10.15 -12.15 0.48
C LYS A 137 11.56 -12.67 0.66
N ILE A 138 12.02 -12.69 1.91
CA ILE A 138 13.34 -13.21 2.21
C ILE A 138 13.34 -14.73 2.04
N VAL A 139 14.35 -15.26 1.36
CA VAL A 139 14.41 -16.68 1.06
C VAL A 139 15.71 -17.26 1.60
N ASN A 140 15.60 -18.26 2.48
CA ASN A 140 16.73 -19.00 2.99
C ASN A 140 17.08 -20.08 1.98
N CYS A 141 18.20 -19.90 1.28
CA CYS A 141 18.60 -20.87 0.28
C CYS A 141 19.03 -22.18 0.92
N VAL A 150 25.26 -19.10 -5.05
CA VAL A 150 26.68 -19.01 -4.72
C VAL A 150 27.14 -17.57 -4.79
N TYR A 151 28.32 -17.33 -4.23
CA TYR A 151 29.04 -16.08 -4.43
C TYR A 151 29.35 -15.92 -5.91
N ASN A 152 29.41 -14.67 -6.36
CA ASN A 152 29.60 -14.40 -7.76
C ASN A 152 30.64 -13.31 -7.95
N HIS A 153 31.19 -13.24 -9.16
CA HIS A 153 32.28 -12.30 -9.42
C HIS A 153 31.79 -10.90 -9.75
N GLY A 154 31.12 -10.77 -10.88
CA GLY A 154 30.98 -9.44 -11.44
C GLY A 154 29.85 -8.63 -10.86
N TYR A 155 29.04 -9.22 -10.00
CA TYR A 155 28.02 -8.46 -9.30
C TYR A 155 28.69 -7.54 -8.29
N ALA A 156 28.03 -6.43 -8.00
CA ALA A 156 28.56 -5.47 -7.04
C ALA A 156 28.53 -6.06 -5.65
N SER A 157 29.69 -6.04 -5.00
CA SER A 157 29.91 -6.85 -3.82
C SER A 157 30.46 -5.99 -2.69
N HIS A 158 30.31 -6.49 -1.47
CA HIS A 158 30.97 -5.90 -0.31
C HIS A 158 31.04 -6.92 0.80
N ILE A 159 32.15 -6.92 1.54
CA ILE A 159 32.32 -7.78 2.70
C ILE A 159 32.36 -6.92 3.93
N GLN A 160 31.43 -7.15 4.85
CA GLN A 160 31.59 -6.64 6.20
C GLN A 160 32.15 -7.72 7.10
N ILE A 161 33.15 -7.35 7.88
CA ILE A 161 33.78 -8.23 8.86
C ILE A 161 32.98 -8.14 10.14
N THR A 162 32.63 -9.29 10.70
CA THR A 162 31.84 -9.28 11.93
C THR A 162 32.67 -8.77 13.11
N ARG A 163 33.98 -9.03 13.09
CA ARG A 163 34.79 -8.76 14.26
C ARG A 163 35.04 -7.27 14.47
N VAL A 164 35.11 -6.50 13.40
CA VAL A 164 35.18 -5.06 13.55
C VAL A 164 33.83 -4.51 13.97
N ASN A 165 32.80 -4.77 13.18
CA ASN A 165 31.47 -4.24 13.43
C ASN A 165 30.47 -5.09 12.67
N ASN A 166 29.48 -5.64 13.37
CA ASN A 166 28.56 -6.59 12.77
C ASN A 166 27.36 -5.92 12.12
N VAL A 167 27.50 -4.68 11.65
CA VAL A 167 26.44 -4.06 10.90
C VAL A 167 27.00 -3.46 9.60
N ILE A 168 26.64 -4.08 8.49
CA ILE A 168 27.01 -3.55 7.20
C ILE A 168 26.07 -2.40 6.88
N GLU A 169 26.49 -1.49 6.01
CA GLU A 169 25.62 -0.47 5.48
C GLU A 169 25.72 -0.47 3.96
N LEU A 170 24.66 -0.02 3.29
CA LEU A 170 24.63 -0.07 1.84
C LEU A 170 23.93 1.14 1.24
N GLU A 171 24.38 1.52 0.05
CA GLU A 171 23.72 2.45 -0.85
C GLU A 171 23.53 1.67 -2.15
N VAL A 172 22.38 1.01 -2.29
CA VAL A 172 22.09 0.19 -3.46
C VAL A 172 21.48 1.10 -4.52
N PRO A 173 22.10 1.23 -5.70
CA PRO A 173 21.67 2.25 -6.64
C PRO A 173 20.50 1.79 -7.49
N PHE A 174 20.09 2.65 -8.39
CA PHE A 174 19.04 2.35 -9.34
C PHE A 174 19.65 1.78 -10.61
N TYR A 175 19.56 0.47 -10.80
CA TYR A 175 19.98 -0.15 -12.05
C TYR A 175 18.74 -0.78 -12.67
N ASN A 176 18.02 0.01 -13.45
CA ASN A 176 16.99 -0.54 -14.31
C ASN A 176 17.08 0.15 -15.64
N ALA A 177 16.60 -0.52 -16.68
CA ALA A 177 16.54 0.08 -18.00
C ALA A 177 15.17 0.70 -18.22
N THR A 178 14.73 1.48 -17.25
CA THR A 178 13.35 1.91 -17.19
C THR A 178 13.29 3.42 -17.03
N CYS A 179 12.07 3.94 -17.13
CA CYS A 179 11.86 5.35 -16.80
C CYS A 179 11.61 5.51 -15.32
N TYR A 180 10.93 4.53 -14.70
CA TYR A 180 10.66 4.38 -13.29
C TYR A 180 10.17 2.95 -13.08
N ASN A 181 9.83 2.59 -11.84
CA ASN A 181 9.41 1.22 -11.55
C ASN A 181 8.12 1.17 -10.74
N TYR A 182 7.43 0.01 -10.83
CA TYR A 182 6.14 -0.15 -10.17
C TYR A 182 6.27 -0.13 -8.66
N LEU A 183 5.33 0.53 -8.00
CA LEU A 183 5.42 0.70 -6.57
C LEU A 183 4.32 -0.01 -5.79
N GLN A 184 3.17 -0.26 -6.39
CA GLN A 184 2.19 -1.10 -5.71
C GLN A 184 2.64 -2.56 -5.75
N ALA A 185 1.85 -3.42 -5.12
CA ALA A 185 2.18 -4.83 -5.09
C ALA A 185 1.96 -5.44 -6.47
N PHE A 186 2.91 -6.27 -6.88
CA PHE A 186 3.12 -6.60 -8.29
C PHE A 186 2.64 -8.01 -8.59
N ASN A 187 1.73 -8.13 -9.57
CA ASN A 187 1.14 -9.42 -9.84
C ASN A 187 1.83 -10.19 -10.96
N ALA A 188 2.89 -9.63 -11.52
CA ALA A 188 3.61 -10.16 -12.68
C ALA A 188 2.71 -10.41 -13.88
N SER A 189 2.09 -9.37 -14.43
CA SER A 189 1.27 -9.57 -15.61
C SER A 189 2.15 -9.66 -16.84
N SER A 190 2.88 -8.60 -17.13
CA SER A 190 3.78 -8.64 -18.28
C SER A 190 5.05 -9.37 -17.90
N ALA A 191 5.58 -10.14 -18.85
CA ALA A 191 6.73 -10.99 -18.53
C ALA A 191 8.00 -10.18 -18.38
N ALA A 192 8.16 -9.12 -19.16
CA ALA A 192 9.34 -8.29 -18.99
C ALA A 192 9.18 -7.30 -17.86
N SER A 193 7.96 -7.06 -17.40
CA SER A 193 7.74 -6.13 -16.31
C SER A 193 8.33 -6.60 -15.00
N SER A 194 8.57 -7.90 -14.86
CA SER A 194 9.28 -8.45 -13.71
C SER A 194 10.71 -7.92 -13.63
N TYR A 195 11.28 -7.45 -14.74
CA TYR A 195 12.56 -6.78 -14.68
C TYR A 195 12.48 -5.40 -14.05
N ALA A 196 11.29 -4.87 -13.80
CA ALA A 196 11.12 -3.47 -13.48
C ALA A 196 10.38 -3.25 -12.16
N VAL A 197 10.65 -4.05 -11.15
CA VAL A 197 10.02 -3.84 -9.86
C VAL A 197 11.07 -3.69 -8.77
N SER A 198 11.89 -4.71 -8.60
CA SER A 198 12.96 -4.58 -7.63
C SER A 198 14.07 -3.72 -8.20
N LEU A 199 14.92 -3.20 -7.34
CA LEU A 199 16.15 -2.61 -7.84
C LEU A 199 17.10 -3.70 -8.31
N GLY A 200 16.95 -4.90 -7.76
CA GLY A 200 17.80 -6.02 -8.12
C GLY A 200 17.57 -7.15 -7.16
N GLU A 201 18.64 -7.71 -6.62
CA GLU A 201 18.48 -8.71 -5.57
C GLU A 201 19.72 -8.71 -4.69
N ILE A 202 19.53 -8.43 -3.39
CA ILE A 202 20.65 -8.46 -2.47
C ILE A 202 20.76 -9.86 -1.86
N SER A 203 21.97 -10.39 -1.83
CA SER A 203 22.21 -11.67 -1.19
C SER A 203 23.24 -11.54 -0.10
N VAL A 204 22.93 -12.10 1.06
CA VAL A 204 23.85 -12.13 2.19
C VAL A 204 24.29 -13.57 2.40
N GLY A 205 25.60 -13.78 2.37
CA GLY A 205 26.16 -15.08 2.63
C GLY A 205 27.37 -14.99 3.53
N PHE A 206 27.64 -16.09 4.22
CA PHE A 206 28.73 -16.15 5.18
C PHE A 206 29.92 -16.88 4.60
N GLN A 207 31.06 -16.67 5.23
CA GLN A 207 32.23 -17.50 5.01
C GLN A 207 32.41 -18.52 6.13
N ALA A 208 31.35 -18.80 6.88
CA ALA A 208 31.46 -19.72 8.00
C ALA A 208 31.50 -21.16 7.51
N THR A 209 32.35 -21.95 8.15
CA THR A 209 32.38 -23.37 7.88
C THR A 209 31.19 -24.07 8.51
N SER A 210 31.09 -25.38 8.26
CA SER A 210 29.92 -26.13 8.68
C SER A 210 29.87 -26.36 10.18
N ASP A 211 31.03 -26.32 10.85
CA ASP A 211 31.03 -26.56 12.29
C ASP A 211 30.55 -25.35 13.08
N ASP A 212 30.99 -24.15 12.69
CA ASP A 212 30.70 -22.96 13.47
C ASP A 212 29.35 -22.34 13.13
N ILE A 213 28.82 -22.61 11.94
CA ILE A 213 27.52 -22.08 11.56
C ILE A 213 26.40 -22.78 12.31
N ALA A 214 26.70 -23.93 12.95
CA ALA A 214 25.68 -24.62 13.74
C ALA A 214 25.34 -23.86 15.01
N SER A 215 26.28 -23.07 15.54
CA SER A 215 25.98 -22.26 16.72
C SER A 215 25.07 -21.09 16.37
N ILE A 216 25.10 -20.66 15.11
CA ILE A 216 24.41 -19.44 14.70
C ILE A 216 22.99 -19.74 14.24
N VAL A 217 22.57 -21.00 14.33
CA VAL A 217 21.21 -21.37 13.92
C VAL A 217 20.21 -20.76 14.90
N ASN A 218 19.10 -20.25 14.33
CA ASN A 218 18.02 -19.57 15.05
C ASN A 218 18.53 -18.32 15.76
N LYS A 219 19.40 -17.59 15.07
CA LYS A 219 19.79 -16.25 15.48
C LYS A 219 19.16 -15.25 14.53
N PRO A 220 18.66 -14.11 15.00
CA PRO A 220 17.96 -13.19 14.10
C PRO A 220 18.93 -12.33 13.31
N VAL A 221 18.59 -12.10 12.05
CA VAL A 221 19.33 -11.19 11.18
C VAL A 221 18.31 -10.15 10.72
N THR A 222 18.51 -8.91 11.14
CA THR A 222 17.56 -7.86 10.81
C THR A 222 18.09 -6.97 9.69
N ILE A 223 17.19 -6.60 8.80
CA ILE A 223 17.49 -5.70 7.68
C ILE A 223 16.59 -4.49 7.81
N TYR A 224 17.17 -3.30 7.68
CA TYR A 224 16.41 -2.06 7.69
C TYR A 224 16.38 -1.50 6.28
N TYR A 225 15.72 -0.36 6.08
CA TYR A 225 15.75 0.30 4.78
C TYR A 225 15.26 1.74 4.90
N SER A 226 15.57 2.51 3.86
CA SER A 226 15.28 3.93 3.71
C SER A 226 15.72 4.32 2.31
N ILE A 227 15.30 5.51 1.86
CA ILE A 227 15.48 5.81 0.44
C ILE A 227 16.78 6.53 0.10
N GLY A 228 17.21 7.50 0.90
CA GLY A 228 18.51 8.10 0.67
C GLY A 228 18.62 9.10 -0.47
N ASP A 229 17.66 10.02 -0.57
CA ASP A 229 17.71 11.28 -1.34
C ASP A 229 17.63 11.09 -2.85
N GLY A 230 17.78 9.88 -3.35
CA GLY A 230 17.62 9.70 -4.77
C GLY A 230 16.19 9.44 -5.18
N MET A 231 15.37 8.98 -4.26
CA MET A 231 14.02 8.54 -4.56
C MET A 231 13.12 9.71 -4.92
N GLN A 232 12.39 9.57 -6.01
CA GLN A 232 11.46 10.59 -6.46
C GLN A 232 10.20 9.86 -6.96
N PHE A 233 9.12 9.98 -6.20
CA PHE A 233 7.91 9.24 -6.52
C PHE A 233 7.14 9.89 -7.67
N SER A 234 6.45 9.06 -8.43
CA SER A 234 5.72 9.49 -9.61
C SER A 234 4.28 9.85 -9.33
N GLN A 235 3.48 9.77 -10.39
CA GLN A 235 2.03 9.99 -10.42
C GLN A 235 1.28 9.52 -9.18
N TRP A 236 0.43 10.39 -8.65
CA TRP A 236 -0.37 10.09 -7.48
C TRP A 236 -1.41 9.01 -7.79
N VAL A 237 -1.58 8.13 -6.81
CA VAL A 237 -2.66 7.15 -6.78
C VAL A 237 -3.23 7.18 -5.37
N GLY A 238 -4.56 7.11 -5.27
CA GLY A 238 -5.19 7.09 -3.97
C GLY A 238 -4.83 5.86 -3.15
N TYR A 239 -5.10 5.99 -1.86
CA TYR A 239 -4.78 4.93 -0.91
C TYR A 239 -5.74 3.76 -1.07
N GLN A 240 -5.27 2.58 -0.68
CA GLN A 240 -6.12 1.41 -0.63
C GLN A 240 -6.95 1.43 0.67
N PRO A 241 -7.87 0.49 0.87
CA PRO A 241 -8.52 0.40 2.18
C PRO A 241 -7.54 0.06 3.29
N MET A 242 -7.77 0.66 4.45
CA MET A 242 -6.86 0.57 5.59
C MET A 242 -7.48 -0.23 6.73
N MET A 243 -6.60 -0.79 7.55
CA MET A 243 -7.00 -1.48 8.77
C MET A 243 -6.57 -0.66 9.97
N ILE A 244 -7.47 -0.51 10.93
CA ILE A 244 -7.20 0.30 12.12
C ILE A 244 -6.65 -0.62 13.19
N LEU A 245 -5.51 -0.22 13.78
CA LEU A 245 -4.68 -1.19 14.47
C LEU A 245 -5.17 -1.53 15.87
N ASP A 246 -5.89 -0.61 16.53
CA ASP A 246 -6.38 -0.94 17.86
C ASP A 246 -7.54 -1.92 17.82
N GLN A 247 -8.16 -2.10 16.65
CA GLN A 247 -9.23 -3.07 16.45
C GLN A 247 -8.71 -4.50 16.43
N LEU A 248 -7.40 -4.68 16.28
CA LEU A 248 -6.79 -6.00 16.35
C LEU A 248 -6.97 -6.59 17.75
N PRO A 249 -7.20 -7.89 17.86
CA PRO A 249 -7.56 -8.48 19.16
C PRO A 249 -6.39 -8.56 20.12
N ALA A 250 -6.72 -8.56 21.41
CA ALA A 250 -5.74 -8.72 22.44
C ALA A 250 -5.46 -10.20 22.67
N ASN B 21 -10.49 15.16 -40.19
CA ASN B 21 -11.85 15.33 -40.71
C ASN B 21 -12.99 14.91 -39.76
N VAL B 22 -12.69 14.29 -38.62
CA VAL B 22 -13.72 14.09 -37.61
C VAL B 22 -13.78 15.32 -36.71
N VAL B 23 -14.88 16.03 -36.77
CA VAL B 23 -15.09 17.22 -35.97
C VAL B 23 -16.26 16.94 -35.04
N LEU B 24 -16.06 17.11 -33.74
CA LEU B 24 -17.14 16.83 -32.81
C LEU B 24 -17.31 17.98 -31.83
N THR B 25 -18.54 18.15 -31.37
CA THR B 25 -18.98 19.30 -30.62
C THR B 25 -19.58 18.83 -29.31
N THR B 26 -19.58 19.72 -28.32
CA THR B 26 -20.40 19.56 -27.13
C THR B 26 -21.05 20.90 -26.81
N GLN B 27 -22.23 20.83 -26.19
CA GLN B 27 -22.92 22.05 -25.79
C GLN B 27 -22.39 22.62 -24.49
N ARG B 28 -21.71 21.83 -23.68
CA ARG B 28 -21.31 22.24 -22.35
C ARG B 28 -19.79 22.29 -22.24
N ASP B 29 -19.33 23.03 -21.25
CA ASP B 29 -17.90 23.20 -21.03
C ASP B 29 -17.31 21.94 -20.42
N PRO B 30 -16.13 21.52 -20.82
CA PRO B 30 -15.57 20.27 -20.29
C PRO B 30 -15.07 20.43 -18.87
N SER B 31 -14.66 19.32 -18.27
CA SER B 31 -13.96 19.32 -16.99
C SER B 31 -12.76 18.38 -17.10
N THR B 32 -11.64 18.92 -17.58
CA THR B 32 -10.45 18.11 -17.77
C THR B 32 -9.75 17.87 -16.44
N SER B 33 -9.12 16.72 -16.32
CA SER B 33 -8.24 16.46 -15.18
C SER B 33 -6.97 15.83 -15.73
N ILE B 34 -6.01 16.67 -16.09
CA ILE B 34 -4.72 16.24 -16.61
C ILE B 34 -3.94 15.59 -15.48
N PRO B 35 -3.51 14.34 -15.62
CA PRO B 35 -2.73 13.72 -14.54
C PRO B 35 -1.26 14.11 -14.53
N ALA B 36 -0.63 14.24 -15.70
CA ALA B 36 0.81 14.41 -15.75
C ALA B 36 1.14 15.40 -16.86
N PRO B 37 2.27 16.08 -16.78
CA PRO B 37 2.62 17.02 -17.86
C PRO B 37 2.98 16.33 -19.16
N VAL B 38 3.17 17.14 -20.20
CA VAL B 38 3.40 16.63 -21.55
C VAL B 38 4.80 16.04 -21.63
N SER B 39 4.91 14.89 -22.29
CA SER B 39 6.17 14.16 -22.34
C SER B 39 6.95 14.49 -23.61
N VAL B 40 8.19 14.00 -23.64
CA VAL B 40 9.08 14.30 -24.75
C VAL B 40 8.79 13.31 -25.89
N LYS B 41 9.38 13.56 -27.06
CA LYS B 41 9.14 12.73 -28.22
C LYS B 41 9.73 11.32 -28.05
N TRP B 42 10.91 11.20 -27.45
CA TRP B 42 11.58 9.92 -27.14
C TRP B 42 11.85 9.09 -28.38
N SER B 43 12.46 9.68 -29.39
CA SER B 43 12.82 8.95 -30.59
C SER B 43 14.30 8.97 -30.88
N ARG B 44 15.08 9.71 -30.09
CA ARG B 44 16.45 10.00 -30.44
C ARG B 44 17.37 8.78 -30.29
N TRP B 45 15.63 7.70 -27.86
CA TRP B 45 16.77 6.99 -27.30
C TRP B 45 16.87 5.58 -27.80
N THR B 46 15.79 5.08 -28.37
CA THR B 46 15.78 3.65 -28.66
C THR B 46 15.13 3.29 -29.98
N SER B 47 15.24 4.15 -30.99
CA SER B 47 14.73 3.76 -32.31
C SER B 47 15.54 4.46 -33.40
N ASN B 48 16.18 3.65 -34.24
CA ASN B 48 16.90 4.17 -35.38
C ASN B 48 16.12 3.95 -36.66
N ASP B 49 14.98 3.29 -36.59
CA ASP B 49 14.16 3.08 -37.76
C ASP B 49 13.41 4.36 -38.10
N VAL B 50 12.66 4.35 -39.20
CA VAL B 50 11.93 5.54 -39.61
C VAL B 50 10.79 5.79 -38.64
N VAL B 51 10.97 6.76 -37.75
CA VAL B 51 9.98 7.10 -36.74
C VAL B 51 9.09 8.17 -37.35
N ASP B 52 7.92 7.75 -37.81
CA ASP B 52 7.08 8.58 -38.64
C ASP B 52 5.87 9.02 -37.85
N ASP B 53 5.63 10.32 -37.80
CA ASP B 53 4.40 10.85 -37.26
C ASP B 53 3.24 10.60 -38.22
N TYR B 54 2.04 10.49 -37.68
CA TYR B 54 0.85 10.24 -38.47
C TYR B 54 -0.29 11.11 -37.98
N ALA B 55 0.01 12.38 -37.75
CA ALA B 55 -0.98 13.29 -37.17
C ALA B 55 -2.09 13.64 -38.16
N THR B 56 -1.90 13.36 -39.44
CA THR B 56 -2.99 13.61 -40.39
C THR B 56 -4.04 12.53 -40.32
N ILE B 57 -3.70 11.33 -39.86
CA ILE B 57 -4.64 10.22 -39.88
C ILE B 57 -4.95 9.69 -38.48
N THR B 58 -3.96 9.67 -37.59
CA THR B 58 -4.19 9.08 -36.28
C THR B 58 -4.80 10.06 -35.29
N SER B 59 -4.74 11.36 -35.58
CA SER B 59 -5.31 12.33 -34.65
C SER B 59 -6.80 12.53 -34.87
N ARG B 60 -7.45 11.68 -35.65
CA ARG B 60 -8.89 11.72 -35.74
C ARG B 60 -9.49 11.16 -34.46
N TRP B 61 -10.68 11.62 -34.11
CA TRP B 61 -11.38 11.06 -32.97
C TRP B 61 -12.05 9.75 -33.36
N TYR B 62 -12.24 8.86 -32.39
CA TYR B 62 -12.87 7.60 -32.71
C TYR B 62 -13.68 7.09 -31.53
N GLN B 63 -14.93 6.76 -31.79
CA GLN B 63 -15.81 6.17 -30.78
C GLN B 63 -15.36 4.75 -30.47
N ILE B 64 -15.10 4.48 -29.19
CA ILE B 64 -14.66 3.14 -28.80
C ILE B 64 -15.61 2.45 -27.84
N ALA B 65 -16.42 3.16 -27.06
CA ALA B 65 -17.40 2.48 -26.24
C ALA B 65 -18.59 3.40 -26.04
N GLU B 66 -19.75 2.93 -26.48
CA GLU B 66 -21.01 3.51 -26.06
C GLU B 66 -21.72 2.46 -25.23
N PHE B 67 -22.49 2.91 -24.25
CA PHE B 67 -23.23 1.94 -23.44
C PHE B 67 -24.44 2.61 -22.82
N VAL B 68 -25.45 1.79 -22.56
CA VAL B 68 -26.63 2.24 -21.86
C VAL B 68 -26.34 2.27 -20.37
N TRP B 69 -26.75 3.35 -19.72
CA TRP B 69 -26.67 3.49 -18.27
C TRP B 69 -28.06 3.86 -17.76
N SER B 70 -28.70 2.92 -17.05
CA SER B 70 -29.99 3.20 -16.49
C SER B 70 -29.91 3.41 -14.98
N LYS B 71 -31.07 3.52 -14.35
CA LYS B 71 -31.12 3.74 -12.91
C LYS B 71 -30.94 2.46 -12.12
N ASP B 72 -30.96 1.30 -12.79
CA ASP B 72 -30.82 0.05 -12.05
C ASP B 72 -29.38 -0.20 -11.64
N ASP B 73 -28.44 0.52 -12.22
CA ASP B 73 -27.04 0.39 -11.83
C ASP B 73 -26.83 1.02 -10.46
N PRO B 74 -26.26 0.32 -9.50
CA PRO B 74 -26.19 0.83 -8.12
C PRO B 74 -25.11 1.88 -7.95
N PHE B 75 -24.88 2.23 -6.69
CA PHE B 75 -23.94 3.28 -6.28
C PHE B 75 -22.52 3.08 -6.75
N ASP B 76 -21.85 2.03 -6.29
CA ASP B 76 -20.42 1.85 -6.56
C ASP B 76 -20.27 0.74 -7.58
N LYS B 77 -20.47 1.07 -8.85
CA LYS B 77 -20.63 0.08 -9.89
C LYS B 77 -19.80 0.46 -11.11
N GLU B 78 -19.10 -0.51 -11.66
CA GLU B 78 -18.34 -0.21 -12.86
C GLU B 78 -19.29 -0.11 -14.04
N LEU B 79 -18.85 0.61 -15.04
CA LEU B 79 -19.56 0.65 -16.31
C LEU B 79 -18.70 0.15 -17.45
N ALA B 80 -17.44 0.57 -17.48
CA ALA B 80 -16.53 0.20 -18.57
C ALA B 80 -15.11 0.41 -18.05
N ARG B 81 -14.33 -0.66 -17.99
CA ARG B 81 -12.91 -0.56 -17.71
C ARG B 81 -12.15 -0.59 -19.04
N LEU B 82 -12.20 0.54 -19.72
CA LEU B 82 -11.56 0.65 -21.02
C LEU B 82 -10.05 0.75 -20.87
N ILE B 83 -9.34 -0.17 -21.49
CA ILE B 83 -7.89 -0.03 -21.59
C ILE B 83 -7.54 0.58 -22.93
N LEU B 84 -7.07 1.82 -22.88
CA LEU B 84 -7.26 2.73 -24.00
C LEU B 84 -6.45 2.48 -25.27
N PRO B 85 -5.16 2.14 -25.22
CA PRO B 85 -4.54 1.71 -26.47
C PRO B 85 -5.02 0.34 -26.92
N ARG B 86 -5.61 -0.46 -26.02
CA ARG B 86 -6.21 -1.71 -26.47
C ARG B 86 -7.62 -1.47 -26.99
N ALA B 87 -8.41 -0.65 -26.28
CA ALA B 87 -9.83 -0.52 -26.59
C ALA B 87 -10.07 0.18 -27.92
N LEU B 88 -9.11 0.98 -28.37
CA LEU B 88 -9.14 1.48 -29.73
C LEU B 88 -9.08 0.34 -30.73
N LEU B 89 -8.34 -0.72 -30.41
CA LEU B 89 -8.35 -1.89 -31.28
C LEU B 89 -9.46 -2.86 -30.93
N SER B 90 -9.81 -2.96 -29.65
CA SER B 90 -10.78 -3.96 -29.22
C SER B 90 -12.19 -3.61 -29.68
N SER B 91 -12.47 -2.31 -29.82
CA SER B 91 -13.76 -1.93 -30.40
C SER B 91 -13.79 -2.25 -31.88
N ILE B 92 -12.64 -2.22 -32.54
CA ILE B 92 -12.59 -2.54 -33.96
C ILE B 92 -12.78 -4.03 -34.17
N GLU B 93 -11.99 -4.85 -33.48
CA GLU B 93 -12.09 -6.29 -33.66
C GLU B 93 -13.33 -6.86 -33.00
N ALA B 94 -13.96 -6.10 -32.11
CA ALA B 94 -15.31 -6.44 -31.69
C ALA B 94 -16.33 -6.05 -32.74
N ASN B 95 -16.09 -4.97 -33.46
CA ASN B 95 -17.09 -4.46 -34.41
C ASN B 95 -16.86 -5.02 -35.81
N SER B 96 -16.68 -6.35 -35.89
CA SER B 96 -16.90 -7.16 -37.09
C SER B 96 -15.99 -6.79 -38.27
N ASP B 97 -14.82 -6.22 -37.99
CA ASP B 97 -13.86 -5.97 -39.06
C ASP B 97 -12.45 -5.94 -38.49
N ALA B 98 -11.49 -6.01 -39.40
CA ALA B 98 -10.08 -6.01 -39.02
C ALA B 98 -9.55 -4.59 -38.92
N ILE B 99 -8.26 -4.50 -38.64
CA ILE B 99 -7.62 -3.22 -38.37
C ILE B 99 -7.45 -2.42 -39.66
N CYS B 100 -7.35 -3.10 -40.80
CA CYS B 100 -7.02 -2.42 -42.05
C CYS B 100 -8.20 -1.65 -42.63
N ASP B 101 -9.37 -1.73 -42.00
CA ASP B 101 -10.51 -0.96 -42.49
C ASP B 101 -10.64 0.39 -41.83
N VAL B 102 -9.97 0.62 -40.71
CA VAL B 102 -10.10 1.88 -39.97
C VAL B 102 -8.82 2.69 -40.15
N PRO B 103 -8.89 3.91 -40.68
CA PRO B 103 -7.66 4.65 -40.99
C PRO B 103 -6.96 5.19 -39.77
N ASN B 104 -7.56 5.09 -38.58
CA ASN B 104 -6.86 5.52 -37.39
C ASN B 104 -5.76 4.56 -37.01
N THR B 105 -5.95 3.27 -37.28
CA THR B 105 -5.17 2.25 -36.62
C THR B 105 -4.31 1.41 -37.55
N ILE B 106 -4.27 1.72 -38.84
CA ILE B 106 -3.36 1.01 -39.74
C ILE B 106 -1.86 1.18 -39.42
N PRO B 107 -1.37 2.26 -38.78
CA PRO B 107 0.04 2.18 -38.35
C PRO B 107 0.28 1.21 -37.22
N PHE B 108 -0.75 0.83 -36.46
CA PHE B 108 -0.56 -0.28 -35.55
C PHE B 108 -0.43 -1.59 -36.31
N LYS B 109 -1.12 -1.71 -37.44
CA LYS B 109 -1.00 -2.90 -38.28
C LYS B 109 0.38 -3.01 -38.90
N VAL B 110 0.93 -1.89 -39.37
CA VAL B 110 2.22 -1.96 -40.04
C VAL B 110 3.33 -1.97 -39.02
N HIS B 111 3.44 -0.88 -38.24
CA HIS B 111 4.56 -0.74 -37.31
C HIS B 111 4.38 -1.65 -36.11
N ALA B 112 5.47 -1.90 -35.40
CA ALA B 112 5.42 -2.84 -34.29
C ALA B 112 5.44 -2.13 -32.94
N TYR B 113 6.12 -1.00 -32.86
CA TYR B 113 6.27 -0.30 -31.58
C TYR B 113 5.59 1.06 -31.63
N TRP B 114 4.84 1.35 -30.57
CA TRP B 114 4.04 2.55 -30.48
C TRP B 114 4.48 3.39 -29.28
N ARG B 115 4.34 4.70 -29.43
CA ARG B 115 4.32 5.62 -28.31
C ARG B 115 3.26 6.66 -28.62
N GLY B 116 2.74 7.32 -27.60
CA GLY B 116 1.96 8.53 -27.81
C GLY B 116 0.97 8.99 -26.77
N ASP B 117 0.71 10.29 -26.78
CA ASP B 117 -0.24 10.85 -25.83
C ASP B 117 -1.65 10.73 -26.36
N MET B 118 -2.60 10.55 -25.46
CA MET B 118 -3.99 10.31 -25.80
C MET B 118 -4.84 11.49 -25.36
N GLU B 119 -5.95 11.66 -26.06
CA GLU B 119 -7.01 12.58 -25.67
C GLU B 119 -8.27 11.75 -25.59
N VAL B 120 -9.04 11.92 -24.53
CA VAL B 120 -10.19 11.05 -24.28
C VAL B 120 -11.38 11.91 -23.88
N ARG B 121 -12.45 11.82 -24.64
CA ARG B 121 -13.68 12.51 -24.27
C ARG B 121 -14.73 11.49 -23.88
N VAL B 122 -15.45 11.76 -22.81
CA VAL B 122 -16.55 10.91 -22.40
C VAL B 122 -17.81 11.77 -22.43
N GLN B 123 -18.52 11.74 -23.54
CA GLN B 123 -19.74 12.51 -23.65
C GLN B 123 -20.92 11.76 -23.04
N ILE B 124 -21.82 12.52 -22.45
CA ILE B 124 -23.09 12.03 -21.95
C ILE B 124 -24.16 12.78 -22.73
N ASN B 125 -25.35 12.20 -22.78
CA ASN B 125 -26.49 12.90 -23.37
C ASN B 125 -27.71 12.73 -22.48
N SER B 126 -27.52 13.03 -21.20
CA SER B 126 -28.59 12.93 -20.23
C SER B 126 -29.59 14.05 -20.39
N ASN B 127 -30.83 13.79 -20.01
CA ASN B 127 -31.84 14.84 -19.93
C ASN B 127 -31.55 15.70 -18.71
N LYS B 128 -32.05 16.94 -18.72
CA LYS B 128 -31.74 17.86 -17.64
C LYS B 128 -32.45 17.48 -16.35
N PHE B 129 -33.61 16.81 -16.45
CA PHE B 129 -34.35 16.46 -15.25
C PHE B 129 -33.72 15.30 -14.50
N GLN B 130 -32.81 14.56 -15.12
CA GLN B 130 -32.14 13.49 -14.42
C GLN B 130 -31.12 14.04 -13.44
N VAL B 131 -30.90 13.31 -12.35
CA VAL B 131 -29.86 13.61 -11.39
C VAL B 131 -28.91 12.44 -11.33
N GLY B 132 -27.63 12.69 -11.58
CA GLY B 132 -26.65 11.64 -11.51
C GLY B 132 -25.28 12.20 -11.82
N GLN B 133 -24.26 11.43 -11.46
CA GLN B 133 -22.89 11.88 -11.67
C GLN B 133 -21.99 10.66 -11.82
N LEU B 134 -21.50 10.46 -13.02
CA LEU B 134 -20.45 9.51 -13.32
C LEU B 134 -19.11 10.13 -12.97
N GLN B 135 -18.07 9.31 -12.90
CA GLN B 135 -16.71 9.82 -12.86
C GLN B 135 -15.87 9.05 -13.87
N ALA B 136 -14.91 9.74 -14.47
CA ALA B 136 -13.94 9.07 -15.30
C ALA B 136 -12.57 9.26 -14.69
N THR B 137 -11.81 8.19 -14.63
CA THR B 137 -10.52 8.25 -13.96
C THR B 137 -9.51 7.51 -14.80
N TRP B 138 -8.37 8.12 -15.07
CA TRP B 138 -7.31 7.38 -15.69
C TRP B 138 -6.36 6.85 -14.64
N TYR B 139 -5.99 5.58 -14.79
CA TYR B 139 -5.07 4.92 -13.89
C TYR B 139 -3.95 4.36 -14.77
N TYR B 140 -2.73 4.34 -14.26
CA TYR B 140 -1.62 3.80 -15.03
C TYR B 140 -1.33 2.36 -14.64
N SER B 141 -1.36 1.47 -15.64
CA SER B 141 -1.05 0.05 -15.52
C SER B 141 -1.92 -0.64 -14.47
N ASP B 142 -3.21 -0.73 -14.77
CA ASP B 142 -4.13 -1.43 -13.87
C ASP B 142 -3.81 -2.91 -13.77
N HIS B 143 -3.45 -3.52 -14.89
CA HIS B 143 -3.28 -4.95 -14.93
C HIS B 143 -1.93 -5.35 -14.37
N GLU B 144 -1.05 -4.38 -14.12
CA GLU B 144 0.23 -4.61 -13.48
C GLU B 144 0.16 -4.50 -11.98
N ASN B 145 -1.05 -4.51 -11.41
CA ASN B 145 -1.27 -4.60 -9.97
C ASN B 145 -2.26 -5.73 -9.75
N LEU B 146 -2.09 -6.47 -8.65
CA LEU B 146 -3.13 -7.38 -8.22
C LEU B 146 -4.08 -6.73 -7.22
N ASN B 147 -3.65 -5.69 -6.53
CA ASN B 147 -4.48 -5.11 -5.48
C ASN B 147 -5.48 -4.09 -5.98
N ILE B 148 -5.61 -3.91 -7.29
CA ILE B 148 -6.64 -3.02 -7.80
C ILE B 148 -8.03 -3.60 -7.57
N SER B 149 -8.12 -4.92 -7.34
CA SER B 149 -9.38 -5.52 -6.94
C SER B 149 -9.83 -5.04 -5.56
N SER B 150 -8.91 -4.54 -4.74
CA SER B 150 -9.33 -3.87 -3.53
C SER B 150 -9.62 -2.40 -3.77
N LYS B 151 -9.04 -1.85 -4.83
CA LYS B 151 -9.10 -0.41 -5.03
C LYS B 151 -10.22 0.00 -5.98
N ARG B 152 -10.75 -0.93 -6.77
CA ARG B 152 -11.63 -0.61 -7.90
C ARG B 152 -12.98 -0.12 -7.36
N SER B 153 -12.98 1.14 -6.94
CA SER B 153 -14.07 1.73 -6.19
C SER B 153 -13.97 3.23 -6.33
N VAL B 154 -15.07 3.91 -6.01
CA VAL B 154 -15.10 5.34 -6.27
C VAL B 154 -14.27 6.10 -5.25
N TYR B 155 -14.07 5.52 -4.06
CA TYR B 155 -13.35 6.26 -3.05
C TYR B 155 -11.85 6.25 -3.33
N GLY B 156 -11.36 5.19 -3.94
CA GLY B 156 -9.96 5.13 -4.30
C GLY B 156 -9.67 6.04 -5.47
N PHE B 157 -10.49 5.97 -6.51
CA PHE B 157 -10.20 6.77 -7.68
C PHE B 157 -10.61 8.22 -7.52
N SER B 158 -11.27 8.58 -6.42
CA SER B 158 -11.52 9.99 -6.19
C SER B 158 -10.29 10.71 -5.70
N GLN B 159 -9.40 10.00 -5.01
CA GLN B 159 -8.24 10.65 -4.43
C GLN B 159 -7.25 11.10 -5.49
N MET B 160 -7.06 10.30 -6.51
CA MET B 160 -6.29 10.79 -7.64
C MET B 160 -7.18 11.71 -8.47
N ASP B 161 -6.54 12.50 -9.32
CA ASP B 161 -7.26 13.45 -10.15
C ASP B 161 -8.10 12.74 -11.20
N HIS B 162 -9.32 13.22 -11.37
CA HIS B 162 -10.35 12.48 -12.08
C HIS B 162 -11.41 13.45 -12.57
N ALA B 163 -11.97 13.16 -13.74
CA ALA B 163 -13.02 13.99 -14.29
C ALA B 163 -14.38 13.54 -13.76
N LEU B 164 -15.34 14.46 -13.80
CA LEU B 164 -16.66 14.23 -13.26
C LEU B 164 -17.71 14.59 -14.31
N ILE B 165 -18.76 13.77 -14.39
CA ILE B 165 -19.83 14.02 -15.33
C ILE B 165 -21.14 14.13 -14.57
N SER B 166 -21.66 15.34 -14.44
CA SER B 166 -22.96 15.49 -13.82
C SER B 166 -24.05 15.31 -14.86
N ALA B 167 -24.98 14.39 -14.58
CA ALA B 167 -26.07 14.15 -15.52
C ALA B 167 -27.12 15.24 -15.46
N SER B 168 -27.04 16.12 -14.45
CA SER B 168 -27.93 17.27 -14.38
C SER B 168 -27.71 18.21 -15.55
N ALA B 169 -26.51 18.74 -15.66
CA ALA B 169 -26.21 19.70 -16.73
C ALA B 169 -25.67 19.03 -17.98
N SER B 170 -25.60 17.69 -18.00
CA SER B 170 -25.06 16.91 -19.11
C SER B 170 -23.64 17.32 -19.46
N ASN B 171 -22.82 17.41 -18.42
CA ASN B 171 -21.43 17.84 -18.55
C ASN B 171 -20.65 16.83 -19.36
N GLU B 172 -19.59 17.30 -20.02
CA GLU B 172 -18.72 16.41 -20.76
C GLU B 172 -17.36 16.37 -20.08
N ALA B 173 -16.72 15.21 -20.13
CA ALA B 173 -15.41 15.01 -19.54
C ALA B 173 -14.38 14.87 -20.64
N LYS B 174 -13.76 15.97 -21.02
CA LYS B 174 -12.49 15.85 -21.72
C LYS B 174 -11.44 15.39 -20.74
N LEU B 175 -10.42 14.70 -21.22
CA LEU B 175 -9.47 14.04 -20.35
C LEU B 175 -8.18 13.83 -21.14
N VAL B 176 -7.21 14.72 -20.94
CA VAL B 176 -5.91 14.53 -21.55
C VAL B 176 -5.20 13.42 -20.81
N ILE B 177 -4.65 12.46 -21.53
CA ILE B 177 -3.88 11.40 -20.88
C ILE B 177 -2.51 11.30 -21.55
N PRO B 178 -1.46 11.86 -20.96
CA PRO B 178 -0.15 11.77 -21.57
C PRO B 178 0.41 10.37 -21.38
N PHE B 179 1.26 9.96 -22.30
CA PHE B 179 1.83 8.62 -22.21
C PHE B 179 2.89 8.56 -21.12
N LYS B 180 2.64 7.71 -20.14
CA LYS B 180 3.62 7.44 -19.09
C LYS B 180 3.59 5.96 -18.74
N HIS B 181 4.64 5.26 -19.11
CA HIS B 181 4.78 3.85 -18.76
C HIS B 181 6.21 3.67 -18.31
N VAL B 182 6.50 2.50 -17.73
CA VAL B 182 7.87 2.17 -17.34
C VAL B 182 8.79 2.12 -18.54
N TYR B 183 8.42 1.40 -19.58
CA TYR B 183 9.26 1.48 -20.75
C TYR B 183 8.66 2.53 -21.67
N PRO B 184 9.48 3.27 -22.41
CA PRO B 184 8.92 4.40 -23.16
C PRO B 184 8.22 4.00 -24.44
N PHE B 185 8.01 2.72 -24.70
CA PHE B 185 7.25 2.31 -25.86
C PHE B 185 6.31 1.17 -25.51
N LEU B 186 5.09 1.24 -26.04
CA LEU B 186 4.17 0.13 -25.98
C LEU B 186 4.23 -0.64 -27.28
N PRO B 187 4.45 -1.95 -27.24
CA PRO B 187 4.46 -2.73 -28.46
C PRO B 187 3.03 -2.99 -28.92
N THR B 188 2.89 -3.43 -30.16
CA THR B 188 1.57 -3.60 -30.73
C THR B 188 1.25 -5.04 -31.06
N ARG B 189 2.22 -5.94 -30.93
CA ARG B 189 2.01 -7.34 -31.23
C ARG B 189 2.98 -8.14 -30.37
N ILE B 190 2.95 -9.46 -30.53
CA ILE B 190 3.77 -10.33 -29.69
C ILE B 190 5.25 -10.08 -29.92
N VAL B 191 5.94 -9.79 -28.82
CA VAL B 191 7.27 -9.18 -28.81
C VAL B 191 8.20 -10.07 -27.98
N PRO B 192 9.48 -10.21 -28.35
CA PRO B 192 10.33 -11.25 -27.76
C PRO B 192 10.63 -11.10 -26.29
N ASP B 193 10.17 -10.06 -25.61
CA ASP B 193 10.47 -10.01 -24.20
C ASP B 193 9.21 -9.96 -23.35
N TRP B 194 8.11 -9.40 -23.85
CA TRP B 194 6.83 -9.72 -23.25
C TRP B 194 5.78 -9.95 -24.33
N THR B 195 4.86 -10.86 -24.02
CA THR B 195 3.67 -11.09 -24.83
C THR B 195 2.43 -10.62 -24.11
N THR B 196 2.20 -11.09 -22.89
CA THR B 196 0.98 -10.78 -22.17
C THR B 196 0.99 -9.33 -21.72
N GLY B 197 -0.17 -8.68 -21.81
CA GLY B 197 -0.22 -7.26 -21.53
C GLY B 197 0.16 -6.41 -22.70
N ILE B 198 -0.24 -6.82 -23.90
CA ILE B 198 0.13 -6.10 -25.12
C ILE B 198 -0.63 -4.79 -25.23
N LEU B 199 0.12 -3.72 -25.49
CA LEU B 199 -0.37 -2.35 -25.75
C LEU B 199 -1.25 -1.84 -24.60
N ASP B 200 -0.88 -2.19 -23.37
CA ASP B 200 -1.65 -1.89 -22.17
C ASP B 200 -1.07 -0.67 -21.50
N MET B 201 -1.88 0.37 -21.30
CA MET B 201 -1.35 1.50 -20.55
C MET B 201 -1.96 1.57 -19.17
N GLY B 202 -3.19 1.10 -19.02
CA GLY B 202 -3.90 1.14 -17.76
C GLY B 202 -5.39 1.28 -18.02
N ALA B 203 -6.11 1.63 -16.95
CA ALA B 203 -7.56 1.61 -16.98
C ALA B 203 -8.12 3.02 -17.13
N LEU B 204 -8.86 3.24 -18.19
CA LEU B 204 -9.93 4.21 -18.12
C LEU B 204 -11.18 3.54 -17.61
N ASN B 205 -11.54 3.86 -16.38
CA ASN B 205 -12.70 3.21 -15.78
C ASN B 205 -13.75 4.24 -15.40
N ILE B 206 -14.99 3.92 -15.73
CA ILE B 206 -16.06 4.88 -15.56
C ILE B 206 -16.97 4.41 -14.45
N ARG B 207 -16.72 4.91 -13.24
CA ARG B 207 -17.45 4.44 -12.07
C ARG B 207 -18.62 5.37 -11.79
N VAL B 208 -19.77 4.79 -11.45
CA VAL B 208 -20.93 5.59 -11.06
C VAL B 208 -20.68 6.16 -9.69
N ILE B 209 -21.03 7.43 -9.47
CA ILE B 209 -21.11 7.92 -8.11
C ILE B 209 -22.56 8.19 -7.75
N ALA B 210 -23.22 9.09 -8.45
CA ALA B 210 -24.63 9.34 -8.19
C ALA B 210 -25.46 8.62 -9.23
N PRO B 211 -26.26 7.63 -8.86
CA PRO B 211 -27.07 6.92 -9.85
C PRO B 211 -28.21 7.79 -10.36
N LEU B 212 -28.80 7.36 -11.48
CA LEU B 212 -29.96 8.06 -12.00
C LEU B 212 -31.12 8.04 -11.02
N ARG B 213 -31.54 9.23 -10.63
CA ARG B 213 -32.68 9.42 -9.77
C ARG B 213 -33.67 10.27 -10.53
N MET B 214 -34.85 9.73 -10.76
CA MET B 214 -35.84 10.37 -11.61
C MET B 214 -37.19 10.18 -10.96
N SER B 215 -38.23 10.71 -11.61
CA SER B 215 -39.58 10.48 -11.13
C SER B 215 -40.04 9.07 -11.50
N ALA B 216 -41.29 8.76 -11.16
CA ALA B 216 -41.88 7.52 -11.66
C ALA B 216 -42.02 7.55 -13.17
N THR B 217 -42.29 8.72 -13.74
CA THR B 217 -42.39 8.89 -15.17
C THR B 217 -41.09 9.38 -15.78
N GLY B 218 -39.96 8.89 -15.30
CA GLY B 218 -38.69 9.45 -15.66
C GLY B 218 -38.06 8.79 -16.86
N PRO B 219 -37.10 9.48 -17.45
CA PRO B 219 -36.31 8.89 -18.54
C PRO B 219 -35.28 7.93 -17.98
N THR B 220 -35.49 6.62 -18.22
CA THR B 220 -34.66 5.61 -17.58
C THR B 220 -33.28 5.51 -18.21
N THR B 221 -33.22 5.57 -19.54
CA THR B 221 -31.95 5.34 -20.21
C THR B 221 -31.08 6.59 -20.16
N CYS B 222 -29.77 6.37 -20.19
CA CYS B 222 -28.82 7.46 -20.34
C CYS B 222 -27.57 6.95 -21.03
N ASN B 223 -27.48 7.13 -22.33
CA ASN B 223 -26.38 6.57 -23.09
C ASN B 223 -25.12 7.38 -22.88
N VAL B 224 -23.97 6.69 -22.85
CA VAL B 224 -22.67 7.33 -22.66
C VAL B 224 -21.75 6.90 -23.78
N VAL B 225 -21.16 7.88 -24.46
CA VAL B 225 -20.30 7.64 -25.60
C VAL B 225 -18.89 8.07 -25.21
N VAL B 226 -17.88 7.33 -25.68
CA VAL B 226 -16.49 7.63 -25.38
C VAL B 226 -15.74 7.75 -26.69
N PHE B 227 -15.15 8.90 -26.94
CA PHE B 227 -14.28 9.14 -28.09
C PHE B 227 -12.83 9.23 -27.64
N ILE B 228 -11.92 8.97 -28.57
CA ILE B 228 -10.49 9.02 -28.29
C ILE B 228 -9.72 9.58 -29.49
N LYS B 229 -8.94 10.63 -29.24
CA LYS B 229 -7.98 11.17 -30.19
C LYS B 229 -6.60 10.67 -29.82
N LEU B 230 -5.74 10.51 -30.82
CA LEU B 230 -4.41 9.99 -30.61
C LEU B 230 -3.42 10.84 -31.41
N ASN B 231 -2.86 11.87 -30.76
CA ASN B 231 -2.21 12.94 -31.50
C ASN B 231 -0.68 12.86 -31.55
N ASN B 232 -0.01 12.84 -30.41
CA ASN B 232 1.45 12.89 -30.44
C ASN B 232 2.02 11.47 -30.48
N SER B 233 1.52 10.66 -31.40
CA SER B 233 1.97 9.30 -31.49
C SER B 233 3.22 9.22 -32.34
N GLU B 234 4.09 8.29 -31.99
CA GLU B 234 5.15 7.91 -32.89
C GLU B 234 5.13 6.40 -33.05
N PHE B 235 5.40 5.96 -34.26
CA PHE B 235 5.37 4.56 -34.63
C PHE B 235 6.76 4.20 -35.15
N THR B 236 7.28 3.07 -34.70
CA THR B 236 8.60 2.68 -35.16
C THR B 236 8.67 1.18 -35.27
N GLY B 237 9.70 0.72 -35.97
CA GLY B 237 9.84 -0.69 -36.19
C GLY B 237 8.85 -1.22 -37.21
N THR B 238 9.05 -0.85 -38.46
CA THR B 238 8.18 -1.30 -39.53
C THR B 238 8.34 -2.80 -39.74
N SER B 239 7.23 -3.51 -39.80
CA SER B 239 7.25 -4.94 -40.07
C SER B 239 5.98 -5.33 -40.80
N SER B 240 5.88 -6.62 -41.12
CA SER B 240 4.77 -7.08 -41.93
C SER B 240 3.50 -7.20 -41.11
N GLY B 241 2.38 -6.84 -41.74
CA GLY B 241 1.09 -6.91 -41.09
C GLY B 241 0.58 -8.30 -40.82
N LYS B 242 1.21 -9.32 -41.42
CA LYS B 242 0.77 -10.68 -41.15
C LYS B 242 1.26 -11.16 -39.79
N PHE B 243 2.20 -10.43 -39.18
CA PHE B 243 2.64 -10.78 -37.84
C PHE B 243 1.65 -10.33 -36.79
N TYR B 244 0.86 -9.32 -37.09
CA TYR B 244 -0.03 -8.74 -36.09
C TYR B 244 -1.17 -9.68 -35.78
N ALA B 245 -1.12 -10.27 -34.58
CA ALA B 245 -2.20 -11.09 -34.09
C ALA B 245 -3.36 -10.20 -33.68
N SER B 246 -4.53 -10.82 -33.55
CA SER B 246 -5.70 -10.09 -33.07
C SER B 246 -5.52 -9.78 -31.59
N GLN B 247 -6.13 -8.69 -31.15
CA GLN B 247 -6.13 -8.36 -29.74
C GLN B 247 -7.05 -9.30 -28.98
N ILE B 248 -6.93 -9.27 -27.65
CA ILE B 248 -7.73 -10.17 -26.84
C ILE B 248 -9.13 -9.62 -26.71
N ARG B 249 -10.12 -10.53 -26.78
CA ARG B 249 -11.52 -10.18 -26.58
C ARG B 249 -11.75 -9.57 -25.21
N PRO C 3 59.71 11.10 8.92
CA PRO C 3 59.55 11.89 10.14
C PRO C 3 58.75 11.12 11.17
N SER C 4 59.21 11.20 12.42
CA SER C 4 58.49 10.56 13.50
C SER C 4 57.38 11.47 14.02
N TYR C 5 56.16 10.94 14.08
CA TYR C 5 55.00 11.73 14.47
C TYR C 5 54.71 11.45 15.94
N GLN C 6 55.31 12.24 16.80
CA GLN C 6 55.24 11.96 18.22
C GLN C 6 54.12 12.72 18.91
N GLN C 7 53.41 13.58 18.18
CA GLN C 7 52.34 14.37 18.77
C GLN C 7 51.20 13.48 19.19
N SER C 8 50.63 13.77 20.37
CA SER C 8 49.70 12.85 21.00
C SER C 8 48.36 12.85 20.30
N PRO C 9 47.76 11.69 20.09
CA PRO C 9 46.65 11.56 19.15
C PRO C 9 45.29 11.70 19.81
N ARG C 10 44.25 11.54 18.99
CA ARG C 10 42.87 11.81 19.41
C ARG C 10 42.35 10.74 20.37
N HIS C 11 41.17 10.99 20.93
CA HIS C 11 40.78 10.40 22.20
C HIS C 11 39.29 10.02 22.23
N PHE C 12 38.80 9.34 21.19
CA PHE C 12 37.38 9.41 20.81
C PHE C 12 36.43 8.54 21.64
N VAL C 13 35.25 8.32 21.07
CA VAL C 13 34.25 7.35 21.51
C VAL C 13 33.77 6.58 20.28
N PRO C 14 33.86 5.26 20.27
CA PRO C 14 33.19 4.47 19.23
C PRO C 14 31.70 4.29 19.51
N THR C 15 30.94 4.18 18.42
CA THR C 15 29.55 3.72 18.43
C THR C 15 29.36 2.84 17.21
N GLY C 16 28.36 1.97 17.29
CA GLY C 16 28.28 0.96 16.26
C GLY C 16 27.48 1.33 15.04
N MET C 17 26.59 2.32 15.15
CA MET C 17 25.63 2.55 14.09
C MET C 17 25.34 4.02 13.96
N HIS C 18 25.20 4.49 12.72
CA HIS C 18 24.73 5.83 12.46
C HIS C 18 23.28 5.99 12.89
N SER C 19 22.84 7.24 12.97
CA SER C 19 21.52 7.54 13.50
C SER C 19 20.43 7.07 12.56
N LEU C 20 19.21 6.97 13.08
CA LEU C 20 18.10 6.45 12.30
C LEU C 20 17.00 7.47 12.10
N ALA C 21 16.65 8.22 13.14
CA ALA C 21 15.58 9.18 13.00
C ALA C 21 16.02 10.42 12.22
N LEU C 22 17.32 10.64 12.11
CA LEU C 22 17.81 11.80 11.37
C LEU C 22 17.64 11.58 9.87
N GLY C 23 16.92 12.50 9.23
CA GLY C 23 16.61 12.40 7.82
C GLY C 23 16.80 13.69 7.03
N THR C 24 17.79 14.49 7.41
CA THR C 24 17.89 15.89 7.00
C THR C 24 19.33 16.24 6.71
N ASN C 25 19.66 17.53 6.87
CA ASN C 25 20.93 18.10 6.42
C ASN C 25 22.04 17.50 7.26
N LEU C 26 22.47 16.33 6.79
CA LEU C 26 23.29 15.41 7.56
C LEU C 26 23.93 14.44 6.58
N VAL C 27 25.26 14.44 6.52
CA VAL C 27 25.96 13.64 5.54
C VAL C 27 26.11 12.22 6.04
N GLU C 28 25.56 11.26 5.30
CA GLU C 28 25.46 9.87 5.74
C GLU C 28 26.43 8.99 4.97
N PRO C 29 27.37 8.36 5.65
CA PRO C 29 28.35 7.53 4.95
C PRO C 29 27.91 6.07 4.92
N LEU C 30 28.12 5.44 3.76
CA LEU C 30 27.62 4.10 3.53
C LEU C 30 28.65 3.31 2.74
N HIS C 31 28.23 2.17 2.23
CA HIS C 31 29.01 1.33 1.33
C HIS C 31 28.15 1.15 0.08
N ALA C 32 28.37 1.99 -0.91
CA ALA C 32 27.53 1.94 -2.09
C ALA C 32 27.95 0.78 -2.99
N LEU C 33 26.97 0.02 -3.47
CA LEU C 33 27.22 -0.99 -4.46
C LEU C 33 27.20 -0.44 -5.88
N ARG C 34 27.09 0.87 -6.02
CA ARG C 34 27.28 1.52 -7.30
C ARG C 34 28.75 1.45 -7.68
N LEU C 35 29.05 1.59 -8.96
CA LEU C 35 30.45 1.50 -9.37
C LEU C 35 31.15 2.84 -9.17
N ASP C 36 30.40 3.93 -9.13
CA ASP C 36 31.03 5.25 -9.07
C ASP C 36 30.80 5.95 -7.74
N ALA C 37 31.86 6.62 -7.26
CA ALA C 37 31.77 7.34 -6.00
C ALA C 37 30.95 8.62 -6.12
N ALA C 38 31.01 9.29 -7.26
CA ALA C 38 30.20 10.48 -7.45
C ALA C 38 28.85 10.16 -8.07
N GLY C 39 28.52 8.89 -8.17
CA GLY C 39 27.31 8.51 -8.87
C GLY C 39 26.07 8.72 -8.05
N THR C 40 25.03 9.18 -8.74
CA THR C 40 23.73 9.41 -8.15
C THR C 40 22.71 8.96 -9.19
N THR C 41 21.63 8.32 -8.73
CA THR C 41 20.56 7.96 -9.62
C THR C 41 19.92 9.20 -10.22
N GLN C 42 19.56 9.12 -11.50
CA GLN C 42 19.24 10.33 -12.24
C GLN C 42 17.89 10.18 -12.93
N HIS C 43 17.43 11.29 -13.48
CA HIS C 43 16.12 11.38 -14.10
C HIS C 43 16.26 12.11 -15.41
N PRO C 44 16.25 11.42 -16.54
CA PRO C 44 16.29 12.10 -17.84
C PRO C 44 15.02 12.84 -18.19
N VAL C 45 14.94 13.33 -19.43
CA VAL C 45 14.04 14.40 -19.81
C VAL C 45 12.56 14.04 -19.67
N GLY C 46 12.22 12.75 -19.74
CA GLY C 46 10.86 12.34 -19.49
C GLY C 46 10.74 11.71 -18.13
N CYS C 47 11.87 11.33 -17.58
CA CYS C 47 11.88 10.60 -16.32
C CYS C 47 11.99 11.50 -15.11
N ALA C 48 11.89 12.81 -15.27
CA ALA C 48 11.78 13.70 -14.13
C ALA C 48 10.36 13.60 -13.57
N PRO C 49 10.18 13.14 -12.34
CA PRO C 49 8.84 12.77 -11.89
C PRO C 49 8.04 13.99 -11.49
N ASP C 50 6.73 13.85 -11.64
CA ASP C 50 5.82 14.99 -11.50
C ASP C 50 5.71 15.43 -10.04
N GLU C 51 5.64 14.48 -9.11
CA GLU C 51 5.18 14.80 -7.79
C GLU C 51 6.25 15.51 -6.99
N MET C 53 6.77 15.64 -3.61
CA MET C 53 6.27 14.88 -2.47
C MET C 53 6.33 15.74 -1.21
N THR C 54 5.19 15.87 -0.56
CA THR C 54 4.93 16.96 0.37
C THR C 54 3.66 16.60 1.12
N VAL C 55 3.65 16.87 2.43
CA VAL C 55 2.45 16.70 3.24
C VAL C 55 1.30 17.55 2.71
N SER C 56 1.59 18.81 2.34
CA SER C 56 0.51 19.64 1.80
C SER C 56 0.17 19.27 0.37
N SER C 57 1.02 18.50 -0.31
CA SER C 57 0.61 17.97 -1.60
C SER C 57 -0.42 16.88 -1.43
N ILE C 58 -0.37 16.15 -0.33
CA ILE C 58 -1.38 15.15 -0.03
C ILE C 58 -2.61 15.81 0.58
N ALA C 59 -2.42 16.81 1.43
CA ALA C 59 -3.52 17.38 2.17
C ALA C 59 -4.38 18.31 1.31
N SER C 60 -3.95 18.58 0.08
CA SER C 60 -4.76 19.35 -0.86
C SER C 60 -5.44 18.44 -1.86
N ARG C 61 -5.82 17.23 -1.47
CA ARG C 61 -6.58 16.35 -2.34
C ARG C 61 -7.86 15.95 -1.63
N TYR C 62 -8.98 16.18 -2.30
CA TYR C 62 -10.26 15.73 -1.76
C TYR C 62 -10.32 14.22 -1.78
N GLY C 63 -10.87 13.64 -0.73
CA GLY C 63 -11.18 12.24 -0.74
C GLY C 63 -12.63 12.07 -0.40
N LEU C 64 -13.36 11.26 -1.15
CA LEU C 64 -14.78 11.07 -0.87
C LEU C 64 -14.93 10.24 0.39
N ILE C 65 -15.70 10.75 1.35
CA ILE C 65 -15.74 10.10 2.64
C ILE C 65 -17.13 9.83 3.15
N ARG C 66 -18.19 10.49 2.66
CA ARG C 66 -19.49 10.14 3.24
C ARG C 66 -20.59 10.32 2.20
N ARG C 67 -21.41 9.29 2.07
CA ARG C 67 -22.63 9.33 1.29
C ARG C 67 -23.75 9.61 2.28
N VAL C 68 -24.44 10.73 2.11
CA VAL C 68 -25.55 11.06 2.98
C VAL C 68 -26.80 11.11 2.13
N GLN C 69 -27.75 10.23 2.43
CA GLN C 69 -29.04 10.29 1.77
C GLN C 69 -29.81 11.48 2.31
N TRP C 70 -30.53 12.16 1.43
CA TRP C 70 -31.25 13.37 1.83
C TRP C 70 -32.61 13.32 1.15
N LYS C 71 -33.60 12.84 1.89
CA LYS C 71 -34.89 12.55 1.28
C LYS C 71 -35.78 13.77 1.27
N LYS C 72 -36.95 13.61 0.66
CA LYS C 72 -37.95 14.67 0.65
C LYS C 72 -38.51 14.91 2.04
N ASP C 73 -38.94 13.84 2.70
CA ASP C 73 -39.68 13.96 3.95
C ASP C 73 -38.80 14.03 5.18
N HIS C 74 -37.51 14.35 5.05
CA HIS C 74 -36.74 14.69 6.22
C HIS C 74 -37.19 16.02 6.77
N ALA C 75 -37.40 16.08 8.08
CA ALA C 75 -38.02 17.24 8.69
C ALA C 75 -37.02 18.39 8.81
N LYS C 76 -37.51 19.51 9.33
CA LYS C 76 -36.73 20.74 9.38
C LYS C 76 -35.76 20.78 10.55
N GLY C 77 -35.49 19.65 11.18
CA GLY C 77 -34.44 19.54 12.16
C GLY C 77 -33.67 18.25 12.12
N SER C 78 -33.87 17.42 11.10
CA SER C 78 -33.31 16.08 11.10
C SER C 78 -31.81 16.12 10.85
N LEU C 79 -31.10 15.29 11.60
CA LEU C 79 -29.65 15.20 11.50
C LEU C 79 -29.26 14.44 10.24
N LEU C 80 -28.18 14.87 9.64
CA LEU C 80 -27.63 14.14 8.51
C LEU C 80 -26.27 13.53 8.80
N LEU C 81 -25.43 14.22 9.56
CA LEU C 81 -24.16 13.65 10.02
C LEU C 81 -23.71 14.41 11.26
N GLN C 82 -23.15 13.66 12.21
CA GLN C 82 -22.55 14.23 13.39
C GLN C 82 -21.06 13.97 13.41
N LEU C 83 -20.47 13.83 12.22
CA LEU C 83 -19.14 13.25 12.11
C LEU C 83 -18.07 14.20 12.61
N ASP C 84 -16.98 13.62 13.09
CA ASP C 84 -16.01 14.33 13.89
C ASP C 84 -15.17 15.26 13.04
N ALA C 85 -14.79 16.40 13.62
CA ALA C 85 -14.03 17.40 12.90
C ALA C 85 -12.53 17.20 13.09
N ASP C 86 -12.08 15.98 12.86
CA ASP C 86 -10.68 15.63 12.71
C ASP C 86 -10.52 15.18 11.27
N PRO C 87 -9.30 14.98 10.78
CA PRO C 87 -9.16 14.31 9.47
C PRO C 87 -9.49 12.82 9.52
N PHE C 88 -9.58 12.24 10.71
CA PHE C 88 -9.86 10.83 10.85
C PHE C 88 -11.35 10.55 10.67
N VAL C 89 -11.81 10.48 9.43
CA VAL C 89 -13.24 10.32 9.24
C VAL C 89 -13.57 8.84 9.01
N GLU C 90 -14.55 8.37 9.76
CA GLU C 90 -14.91 6.97 9.81
C GLU C 90 -15.77 6.66 8.58
N GLN C 91 -15.27 5.80 7.70
CA GLN C 91 -16.08 5.28 6.61
C GLN C 91 -15.87 3.77 6.58
N ARG C 92 -16.91 3.02 6.90
CA ARG C 92 -16.75 1.59 7.10
C ARG C 92 -17.19 0.82 5.86
N ILE C 93 -16.34 -0.10 5.44
CA ILE C 93 -16.66 -1.03 4.37
C ILE C 93 -17.24 -2.27 5.01
N GLU C 94 -18.25 -2.86 4.36
CA GLU C 94 -18.84 -4.09 4.88
C GLU C 94 -18.00 -5.32 4.54
N ASN C 97 -14.41 -9.99 6.76
CA ASN C 97 -13.28 -10.50 7.52
C ASN C 97 -13.48 -10.22 9.01
N PRO C 98 -12.81 -10.97 9.89
CA PRO C 98 -12.91 -10.67 11.32
C PRO C 98 -12.29 -9.34 11.72
N ILE C 99 -11.45 -8.73 10.89
CA ILE C 99 -11.10 -7.32 11.03
C ILE C 99 -11.79 -6.56 9.92
N SER C 100 -12.03 -5.27 10.14
CA SER C 100 -12.76 -4.49 9.16
C SER C 100 -11.84 -3.46 8.51
N LEU C 101 -12.17 -3.10 7.28
CA LEU C 101 -11.37 -2.17 6.52
C LEU C 101 -12.14 -0.87 6.30
N TYR C 102 -11.39 0.22 6.19
CA TYR C 102 -11.99 1.55 6.18
C TYR C 102 -11.37 2.39 5.10
N TRP C 103 -12.20 3.19 4.44
CA TRP C 103 -11.67 4.26 3.64
C TRP C 103 -11.27 5.42 4.52
N PHE C 104 -10.37 6.25 4.01
CA PHE C 104 -10.01 7.48 4.68
C PHE C 104 -9.75 8.55 3.64
N ALA C 105 -9.82 9.79 4.08
CA ALA C 105 -9.30 10.87 3.26
C ALA C 105 -7.79 10.75 3.20
N PRO C 106 -7.16 11.27 2.14
CA PRO C 106 -5.70 11.34 2.11
C PRO C 106 -5.15 12.18 3.22
N VAL C 107 -5.85 13.25 3.60
CA VAL C 107 -5.45 14.02 4.77
C VAL C 107 -5.68 13.22 6.04
N GLY C 108 -6.59 12.24 6.00
CA GLY C 108 -6.79 11.39 7.14
C GLY C 108 -5.62 10.44 7.36
N VAL C 109 -5.13 9.83 6.29
CA VAL C 109 -4.03 8.89 6.43
C VAL C 109 -2.75 9.63 6.71
N VAL C 110 -2.51 10.72 6.00
CA VAL C 110 -1.27 11.45 6.21
C VAL C 110 -1.34 12.23 7.51
N SER C 111 -2.51 12.35 8.12
CA SER C 111 -2.57 12.67 9.53
C SER C 111 -2.26 11.45 10.38
N SER C 112 -2.61 10.26 9.92
CA SER C 112 -2.39 9.08 10.74
C SER C 112 -0.97 8.58 10.70
N MET C 113 -0.11 9.21 9.92
CA MET C 113 1.31 8.91 10.01
C MET C 113 2.04 9.90 10.86
N PHE C 114 1.32 10.72 11.62
CA PHE C 114 1.92 11.71 12.48
C PHE C 114 1.29 11.65 13.85
N MET C 115 1.92 12.31 14.82
CA MET C 115 1.31 12.38 16.13
C MET C 115 0.24 13.46 16.17
N GLN C 116 0.57 14.64 15.68
CA GLN C 116 -0.24 15.79 15.95
C GLN C 116 -0.58 16.51 14.66
N TRP C 117 -1.71 17.20 14.66
CA TRP C 117 -2.17 17.96 13.51
C TRP C 117 -2.78 19.26 14.02
N ARG C 118 -2.91 20.21 13.10
CA ARG C 118 -3.57 21.48 13.38
C ARG C 118 -3.96 22.11 12.06
N GLY C 119 -4.82 23.10 12.14
CA GLY C 119 -5.22 23.83 10.96
C GLY C 119 -6.61 23.47 10.51
N SER C 120 -7.06 24.19 9.49
CA SER C 120 -8.42 24.07 8.99
C SER C 120 -8.63 22.75 8.27
N LEU C 121 -9.89 22.39 8.08
CA LEU C 121 -10.28 21.18 7.36
C LEU C 121 -11.44 21.53 6.43
N GLU C 122 -11.14 21.76 5.16
CA GLU C 122 -12.19 22.12 4.21
C GLU C 122 -12.92 20.87 3.77
N TYR C 123 -14.14 20.69 4.27
CA TYR C 123 -15.00 19.60 3.82
C TYR C 123 -15.86 20.16 2.69
N ARG C 124 -15.88 19.43 1.57
CA ARG C 124 -16.71 19.88 0.47
C ARG C 124 -18.02 19.12 0.42
N PHE C 125 -19.11 19.85 0.49
CA PHE C 125 -20.43 19.28 0.32
C PHE C 125 -20.82 19.46 -1.13
N ASP C 126 -20.95 18.35 -1.83
CA ASP C 126 -21.41 18.34 -3.22
C ASP C 126 -22.81 17.76 -3.20
N ILE C 127 -23.80 18.63 -3.40
CA ILE C 127 -25.20 18.28 -3.24
C ILE C 127 -25.78 18.07 -4.63
N ILE C 128 -25.87 16.81 -5.03
CA ILE C 128 -26.18 16.44 -6.41
C ILE C 128 -27.68 16.59 -6.59
N ALA C 129 -28.10 17.66 -7.26
CA ALA C 129 -29.51 17.86 -7.55
C ALA C 129 -29.66 18.64 -8.83
N SER C 130 -30.87 18.64 -9.37
CA SER C 130 -31.16 19.53 -10.48
C SER C 130 -31.35 20.94 -9.97
N GLN C 131 -31.53 21.87 -10.90
CA GLN C 131 -31.87 23.23 -10.51
C GLN C 131 -33.34 23.37 -10.14
N PHE C 132 -34.12 22.30 -10.27
CA PHE C 132 -35.52 22.35 -9.87
C PHE C 132 -35.71 22.04 -8.40
N HIS C 133 -34.75 21.35 -7.79
CA HIS C 133 -34.81 21.13 -6.36
C HIS C 133 -34.38 22.38 -5.61
N THR C 134 -35.11 22.71 -4.56
CA THR C 134 -34.71 23.80 -3.68
C THR C 134 -34.50 23.24 -2.29
N GLY C 135 -33.34 23.53 -1.71
CA GLY C 135 -33.07 23.04 -0.38
C GLY C 135 -32.40 24.13 0.43
N ARG C 136 -32.08 23.77 1.67
CA ARG C 136 -31.46 24.69 2.61
C ARG C 136 -30.99 23.87 3.80
N LEU C 137 -29.73 24.02 4.15
CA LEU C 137 -29.20 23.20 5.22
C LEU C 137 -28.06 23.91 5.92
N ILE C 138 -28.00 23.77 7.23
CA ILE C 138 -26.93 24.33 8.03
C ILE C 138 -25.75 23.37 8.01
N VAL C 139 -24.55 23.90 7.83
CA VAL C 139 -23.32 23.20 8.19
C VAL C 139 -22.78 23.94 9.42
N GLY C 140 -23.03 23.39 10.59
CA GLY C 140 -22.55 23.99 11.80
C GLY C 140 -21.30 23.32 12.31
N TYR C 141 -20.75 23.91 13.36
CA TYR C 141 -19.44 23.53 13.86
C TYR C 141 -19.38 23.96 15.32
N VAL C 142 -19.38 23.02 16.24
CA VAL C 142 -19.30 23.34 17.66
C VAL C 142 -17.93 22.90 18.17
N PRO C 143 -17.17 23.78 18.80
CA PRO C 143 -15.88 23.37 19.34
C PRO C 143 -16.02 22.73 20.71
N GLY C 144 -15.54 21.49 20.80
CA GLY C 144 -15.47 20.89 22.11
C GLY C 144 -16.75 20.28 22.64
N LEU C 145 -17.25 19.24 21.99
CA LEU C 145 -18.37 18.48 22.53
C LEU C 145 -17.89 17.06 22.84
N THR C 146 -18.01 16.67 24.11
CA THR C 146 -17.62 15.33 24.52
C THR C 146 -18.66 14.30 24.09
N ALA C 147 -18.42 13.05 24.52
CA ALA C 147 -19.30 11.95 24.15
C ALA C 147 -20.66 12.07 24.80
N SER C 148 -20.70 12.49 26.07
CA SER C 148 -21.97 12.71 26.73
C SER C 148 -22.70 13.91 26.13
N LEU C 149 -21.96 14.85 25.57
CA LEU C 149 -22.57 15.94 24.82
C LEU C 149 -22.73 15.61 23.35
N GLN C 150 -22.53 14.36 22.95
CA GLN C 150 -22.80 14.01 21.55
C GLN C 150 -24.29 13.97 21.29
N LEU C 151 -25.08 13.65 22.31
CA LEU C 151 -26.52 13.87 22.30
C LEU C 151 -26.84 15.32 22.62
N GLN C 152 -28.12 15.61 22.88
CA GLN C 152 -28.67 16.95 23.07
C GLN C 152 -28.44 17.88 21.88
N MET C 153 -28.15 17.34 20.70
CA MET C 153 -27.81 18.22 19.59
C MET C 153 -28.98 18.39 18.64
N ASP C 154 -29.22 19.65 18.27
CA ASP C 154 -30.15 19.99 17.19
C ASP C 154 -29.73 21.34 16.64
N TYR C 155 -30.40 21.73 15.55
CA TYR C 155 -30.00 22.94 14.82
C TYR C 155 -30.21 24.19 15.64
N MET C 156 -31.21 24.19 16.51
CA MET C 156 -31.48 25.37 17.33
C MET C 156 -30.37 25.59 18.34
N LYS C 157 -29.82 24.51 18.89
CA LYS C 157 -28.66 24.67 19.76
C LYS C 157 -27.38 24.76 18.95
N LEU C 158 -27.46 24.45 17.65
CA LEU C 158 -26.28 24.57 16.81
C LEU C 158 -26.00 26.01 16.43
N LYS C 159 -27.04 26.78 16.11
CA LYS C 159 -26.87 28.12 15.54
C LYS C 159 -26.25 29.10 16.53
N SER C 160 -26.15 28.74 17.81
CA SER C 160 -25.36 29.52 18.75
C SER C 160 -23.90 29.54 18.34
N SER C 161 -23.36 28.40 17.92
CA SER C 161 -21.98 28.31 17.48
C SER C 161 -21.83 28.83 16.06
N SER C 162 -20.66 28.60 15.48
CA SER C 162 -20.43 29.00 14.10
C SER C 162 -21.19 28.08 13.14
N TYR C 163 -21.81 28.68 12.13
CA TYR C 163 -22.68 27.90 11.25
C TYR C 163 -22.76 28.59 9.91
N VAL C 164 -23.05 27.80 8.88
CA VAL C 164 -23.24 28.31 7.53
C VAL C 164 -24.52 27.74 6.94
N VAL C 165 -25.48 28.60 6.63
CA VAL C 165 -26.72 28.15 6.01
C VAL C 165 -26.56 28.22 4.49
N PHE C 166 -26.88 27.12 3.83
CA PHE C 166 -26.74 27.05 2.39
C PHE C 166 -28.10 26.84 1.74
N ASP C 167 -28.29 27.50 0.60
CA ASP C 167 -29.47 27.25 -0.22
C ASP C 167 -29.08 26.40 -1.42
N LEU C 168 -29.69 25.24 -1.50
CA LEU C 168 -29.53 24.35 -2.65
C LEU C 168 -30.40 24.88 -3.77
N GLN C 169 -29.75 25.41 -4.81
CA GLN C 169 -30.36 26.06 -5.95
C GLN C 169 -29.49 25.85 -7.18
N GLU C 170 -29.56 26.79 -8.13
CA GLU C 170 -28.84 26.75 -9.41
C GLU C 170 -27.35 26.41 -9.27
N SER C 171 -26.71 26.77 -8.16
CA SER C 171 -25.42 26.19 -7.80
C SER C 171 -25.62 25.15 -6.72
N ASN C 172 -24.86 24.07 -6.81
CA ASN C 172 -25.18 22.89 -6.02
C ASN C 172 -24.05 22.43 -5.11
N SER C 173 -22.97 23.18 -4.98
CA SER C 173 -21.76 22.69 -4.33
C SER C 173 -21.14 23.80 -3.51
N PHE C 174 -20.66 23.45 -2.32
CA PHE C 174 -19.93 24.44 -1.54
C PHE C 174 -18.92 23.74 -0.67
N THR C 175 -17.74 24.35 -0.52
CA THR C 175 -16.68 23.79 0.32
C THR C 175 -16.63 24.62 1.59
N PHE C 176 -17.19 24.07 2.65
CA PHE C 176 -17.09 24.72 3.94
C PHE C 176 -15.69 24.49 4.51
N GLU C 177 -15.14 25.50 5.16
CA GLU C 177 -13.82 25.40 5.77
C GLU C 177 -14.02 25.24 7.27
N VAL C 178 -13.80 24.02 7.74
CA VAL C 178 -13.90 23.73 9.19
C VAL C 178 -12.78 24.46 9.92
N PRO C 179 -13.11 25.27 10.91
CA PRO C 179 -12.08 25.97 11.67
C PRO C 179 -11.26 25.02 12.52
N TYR C 180 -10.11 25.49 12.96
CA TYR C 180 -9.35 24.82 14.00
C TYR C 180 -9.53 25.63 15.27
N VAL C 181 -10.39 25.16 16.16
CA VAL C 181 -10.64 25.84 17.43
C VAL C 181 -10.35 24.84 18.54
N SER C 182 -9.24 25.04 19.24
CA SER C 182 -8.90 24.17 20.35
C SER C 182 -8.01 24.94 21.33
N TYR C 183 -7.93 24.41 22.54
CA TYR C 183 -7.07 25.02 23.55
C TYR C 183 -5.60 24.80 23.23
N ARG C 184 -5.30 23.74 22.58
CA ARG C 184 -3.94 23.25 22.37
C ARG C 184 -3.44 23.70 21.01
N PRO C 185 -2.14 24.01 20.87
CA PRO C 185 -1.61 24.34 19.54
C PRO C 185 -1.71 23.21 18.55
N TRP C 186 -1.64 21.97 19.00
CA TRP C 186 -1.79 20.85 18.10
C TRP C 186 -2.92 19.99 18.60
N TRP C 187 -3.05 18.78 18.07
CA TRP C 187 -4.06 17.89 18.60
C TRP C 187 -3.58 16.47 18.39
N VAL C 188 -3.63 15.66 19.46
CA VAL C 188 -3.11 14.30 19.41
C VAL C 188 -3.96 13.47 18.47
N ARG C 189 -3.31 12.54 17.77
CA ARG C 189 -3.98 11.56 16.93
C ARG C 189 -5.07 10.83 17.70
N LYS C 190 -6.22 10.64 17.05
CA LYS C 190 -7.37 10.03 17.71
C LYS C 190 -7.14 8.59 18.07
N TYR C 191 -6.39 7.85 17.25
CA TYR C 191 -6.35 6.40 17.38
C TYR C 191 -5.05 5.90 18.02
N GLY C 192 -3.90 6.40 17.58
CA GLY C 192 -2.63 5.99 18.14
C GLY C 192 -2.26 4.59 17.73
N GLY C 193 -1.20 4.07 18.35
CA GLY C 193 -0.82 2.69 18.18
C GLY C 193 -1.83 1.73 18.80
N ASN C 194 -1.51 0.44 18.75
CA ASN C 194 -2.47 -0.48 19.34
C ASN C 194 -2.31 -0.38 20.84
N TYR C 195 -3.11 0.51 21.41
CA TYR C 195 -2.94 1.05 22.74
C TYR C 195 -4.28 1.67 23.11
N LEU C 196 -4.95 1.13 24.12
CA LEU C 196 -6.34 1.51 24.38
C LEU C 196 -6.49 2.90 24.99
N PRO C 197 -5.61 3.37 25.89
CA PRO C 197 -5.58 4.82 26.13
C PRO C 197 -4.89 5.53 24.97
N SER C 198 -4.77 6.85 25.11
CA SER C 198 -4.49 7.77 24.00
C SER C 198 -5.50 7.58 22.87
N THR C 200 -8.08 9.58 22.54
CA THR C 200 -8.74 10.87 22.67
C THR C 200 -9.58 11.17 21.44
N ASP C 201 -10.81 11.62 21.68
CA ASP C 201 -11.74 11.92 20.59
C ASP C 201 -11.47 13.26 19.94
N ALA C 202 -12.43 13.75 19.18
CA ALA C 202 -12.24 14.89 18.30
C ALA C 202 -12.10 16.19 19.09
N PRO C 203 -11.46 17.21 18.52
CA PRO C 203 -11.45 18.51 19.20
C PRO C 203 -12.79 19.17 19.15
N SER C 204 -13.54 18.90 18.10
CA SER C 204 -14.70 19.69 17.75
C SER C 204 -15.56 18.82 16.85
N THR C 205 -16.79 19.24 16.66
CA THR C 205 -17.70 18.41 15.89
C THR C 205 -18.39 19.25 14.84
N LEU C 206 -18.48 18.68 13.65
CA LEU C 206 -19.30 19.23 12.58
C LEU C 206 -20.73 18.72 12.73
N PHE C 207 -21.69 19.53 12.29
CA PHE C 207 -23.05 19.03 12.20
C PHE C 207 -23.69 19.50 10.92
N MET C 208 -24.67 18.74 10.47
CA MET C 208 -25.37 19.18 9.26
C MET C 208 -26.86 18.86 9.41
N TYR C 209 -27.63 19.90 9.68
CA TYR C 209 -29.06 19.76 9.80
C TYR C 209 -29.77 20.38 8.61
N VAL C 210 -30.95 19.85 8.31
CA VAL C 210 -31.76 20.32 7.20
C VAL C 210 -32.55 21.49 7.75
N GLN C 211 -32.17 22.72 7.37
CA GLN C 211 -32.89 23.88 7.90
C GLN C 211 -34.27 24.01 7.29
N VAL C 212 -34.37 23.98 5.96
CA VAL C 212 -35.65 23.96 5.27
C VAL C 212 -35.66 22.68 4.44
N PRO C 213 -36.68 21.85 4.53
CA PRO C 213 -36.65 20.56 3.84
C PRO C 213 -36.77 20.71 2.35
N LEU C 214 -36.42 19.63 1.65
CA LEU C 214 -36.47 19.64 0.20
C LEU C 214 -37.92 19.74 -0.27
N ILE C 215 -38.18 20.72 -1.12
CA ILE C 215 -39.47 20.82 -1.78
C ILE C 215 -39.22 20.58 -3.26
N PRO C 216 -39.28 19.34 -3.73
CA PRO C 216 -38.98 19.08 -5.14
C PRO C 216 -40.20 19.30 -6.00
N MET C 217 -39.96 19.39 -7.31
CA MET C 217 -41.04 19.42 -8.27
C MET C 217 -41.51 18.00 -8.54
N GLU C 218 -42.75 17.85 -9.03
CA GLU C 218 -43.32 16.51 -9.16
C GLU C 218 -42.82 15.77 -10.41
N ALA C 219 -41.88 16.35 -11.14
CA ALA C 219 -41.22 15.67 -12.25
C ALA C 219 -39.88 15.06 -11.88
N VAL C 220 -39.37 15.34 -10.68
CA VAL C 220 -38.07 14.86 -10.26
C VAL C 220 -38.22 14.05 -8.98
N SER C 221 -37.10 13.59 -8.44
CA SER C 221 -37.13 12.55 -7.43
C SER C 221 -37.27 13.12 -6.03
N ASP C 222 -37.76 12.28 -5.13
CA ASP C 222 -37.94 12.69 -3.73
C ASP C 222 -36.62 12.67 -2.97
N THR C 223 -35.68 11.81 -3.38
CA THR C 223 -34.44 11.62 -2.66
C THR C 223 -33.28 12.24 -3.42
N ILE C 224 -32.26 12.68 -2.67
CA ILE C 224 -31.10 13.38 -3.23
C ILE C 224 -29.85 12.89 -2.52
N ASP C 225 -28.85 12.49 -3.29
CA ASP C 225 -27.56 12.15 -2.71
C ASP C 225 -26.82 13.41 -2.29
N ILE C 226 -26.13 13.35 -1.16
CA ILE C 226 -25.19 14.40 -0.76
C ILE C 226 -23.85 13.73 -0.54
N ASN C 227 -22.85 14.14 -1.32
CA ASN C 227 -21.51 13.61 -1.09
C ASN C 227 -20.68 14.57 -0.27
N VAL C 228 -19.91 14.00 0.65
CA VAL C 228 -19.12 14.74 1.61
C VAL C 228 -17.67 14.35 1.38
N TYR C 229 -16.90 15.28 0.83
CA TYR C 229 -15.47 15.16 0.63
C TYR C 229 -14.73 15.81 1.79
N VAL C 230 -13.50 15.38 2.01
CA VAL C 230 -12.64 15.95 3.04
C VAL C 230 -11.31 16.31 2.44
N ARG C 231 -10.91 17.57 2.62
CA ARG C 231 -9.59 17.99 2.21
C ARG C 231 -9.00 18.80 3.35
N GLY C 232 -7.70 18.62 3.57
CA GLY C 232 -7.03 19.45 4.56
C GLY C 232 -6.99 20.90 4.13
N GLY C 233 -7.17 21.80 5.09
CA GLY C 233 -7.24 23.21 4.80
C GLY C 233 -5.90 23.80 4.43
N SER C 234 -5.93 25.10 4.13
CA SER C 234 -4.71 25.76 3.68
C SER C 234 -3.73 25.95 4.83
N SER C 235 -4.22 26.04 6.06
CA SER C 235 -3.35 26.17 7.21
C SER C 235 -3.02 24.83 7.85
N PHE C 236 -3.38 23.72 7.22
CA PHE C 236 -3.14 22.42 7.80
C PHE C 236 -1.65 22.11 7.82
N GLU C 237 -1.20 21.50 8.91
CA GLU C 237 0.19 21.13 9.09
C GLU C 237 0.28 20.09 10.20
N VAL C 238 1.21 19.14 10.04
CA VAL C 238 1.44 18.08 11.01
C VAL C 238 2.90 18.06 11.42
N CYS C 239 3.16 17.64 12.67
CA CYS C 239 4.53 17.74 13.14
C CYS C 239 5.23 16.44 13.49
N VAL C 240 4.74 15.68 14.44
CA VAL C 240 5.66 14.69 15.04
C VAL C 240 5.48 13.34 14.37
N PRO C 241 6.55 12.73 13.84
CA PRO C 241 6.45 11.44 13.15
C PRO C 241 6.48 10.29 14.16
N VAL C 242 5.37 9.56 14.25
CA VAL C 242 5.28 8.48 15.20
C VAL C 242 4.83 7.21 14.48
N GLN C 243 4.58 6.15 15.24
CA GLN C 243 4.06 4.91 14.69
C GLN C 243 2.71 5.16 14.04
N PRO C 244 2.52 4.74 12.79
CA PRO C 244 1.26 5.00 12.11
C PRO C 244 0.14 4.16 12.70
N SER C 245 -1.07 4.71 12.66
CA SER C 245 -2.23 4.04 13.21
C SER C 245 -2.99 3.25 12.15
N LEU C 246 -2.54 3.25 10.91
CA LEU C 246 -3.26 2.60 9.83
C LEU C 246 -2.32 1.66 9.10
N GLY C 247 -2.84 0.50 8.70
CA GLY C 247 -2.07 -0.46 7.95
C GLY C 247 -2.77 -0.79 6.65
N LEU C 248 -1.99 -1.35 5.72
CA LEU C 248 -2.51 -1.63 4.40
C LEU C 248 -3.44 -2.83 4.43
N ASN C 249 -4.14 -3.05 3.33
CA ASN C 249 -4.89 -4.28 3.14
C ASN C 249 -4.27 -5.20 2.09
N TRP C 250 -2.96 -5.13 1.90
CA TRP C 250 -2.29 -6.14 1.09
C TRP C 250 -2.28 -7.47 1.80
N ASN C 251 -2.20 -7.43 3.12
CA ASN C 251 -2.12 -8.66 3.92
C ASN C 251 -3.00 -8.42 5.14
N THR C 252 -4.28 -8.77 5.02
CA THR C 252 -5.21 -8.59 6.13
C THR C 252 -5.19 -9.75 7.10
N ASP C 253 -4.27 -10.70 6.95
CA ASP C 253 -4.19 -11.83 7.86
C ASP C 253 -3.74 -11.36 9.24
N PHE C 254 -4.34 -11.92 10.27
CA PHE C 254 -4.01 -11.57 11.63
C PHE C 254 -3.92 -12.85 12.44
N ILE C 255 -3.02 -12.86 13.41
CA ILE C 255 -2.79 -14.05 14.23
C ILE C 255 -3.00 -13.68 15.70
N LEU C 256 -3.95 -14.35 16.34
CA LEU C 256 -4.16 -14.17 17.76
C LEU C 256 -3.07 -14.88 18.56
N ARG C 257 -2.98 -14.57 19.84
CA ARG C 257 -1.95 -15.14 20.71
C ARG C 257 -2.61 -15.55 22.02
N ASN C 258 -3.69 -16.34 21.93
CA ASN C 258 -4.20 -17.00 23.11
C ASN C 258 -3.21 -18.06 23.58
N ASP C 259 -3.33 -18.46 24.85
CA ASP C 259 -2.29 -19.25 25.50
C ASP C 259 -2.67 -20.70 25.75
N GLU C 260 -3.94 -21.06 25.57
CA GLU C 260 -4.37 -22.42 25.88
C GLU C 260 -3.84 -23.44 24.89
N GLU C 261 -2.29 -21.65 23.44
CA GLU C 261 -1.71 -22.59 22.49
C GLU C 261 -0.23 -22.75 22.78
N TYR C 262 0.34 -23.82 22.25
CA TYR C 262 1.69 -24.17 22.65
C TYR C 262 2.67 -23.79 21.55
N ARG C 263 3.93 -23.62 21.93
CA ARG C 263 5.01 -23.39 20.98
C ARG C 263 6.31 -23.79 21.64
N ALA C 264 7.36 -23.98 20.84
CA ALA C 264 8.70 -24.08 21.40
C ALA C 264 9.23 -22.69 21.70
N LYS C 265 10.23 -22.63 22.58
CA LYS C 265 10.75 -21.33 22.97
C LYS C 265 11.58 -20.71 21.86
N THR C 266 11.79 -19.40 21.99
CA THR C 266 12.41 -18.61 20.92
C THR C 266 13.89 -18.98 20.76
N GLY C 267 14.26 -19.35 19.54
CA GLY C 267 15.61 -19.78 19.29
C GLY C 267 15.83 -21.26 19.49
N TYR C 268 14.77 -22.05 19.58
CA TYR C 268 14.88 -23.47 19.82
C TYR C 268 14.04 -24.29 18.84
N ALA C 269 13.31 -23.62 17.97
CA ALA C 269 12.62 -24.25 16.87
C ALA C 269 13.20 -23.74 15.56
N PRO C 270 13.34 -24.61 14.53
CA PRO C 270 13.03 -26.04 14.45
C PRO C 270 13.99 -26.94 15.21
N TYR C 271 13.43 -28.06 15.66
CA TYR C 271 14.10 -29.09 16.42
C TYR C 271 14.20 -30.36 15.58
N TYR C 272 14.94 -31.34 16.10
CA TYR C 272 15.04 -32.64 15.44
C TYR C 272 15.34 -33.69 16.48
N ALA C 273 14.87 -34.91 16.25
CA ALA C 273 15.14 -35.99 17.18
C ALA C 273 16.59 -36.44 17.05
N GLY C 274 17.28 -36.52 18.17
CA GLY C 274 18.69 -36.87 18.16
C GLY C 274 19.15 -37.27 19.54
N VAL C 275 20.47 -37.41 19.66
CA VAL C 275 21.06 -37.89 20.90
C VAL C 275 21.76 -36.75 21.64
N TRP C 276 22.09 -37.00 22.90
CA TRP C 276 22.82 -36.03 23.72
C TRP C 276 23.52 -36.76 24.85
N HIS C 277 24.83 -36.53 24.98
CA HIS C 277 25.68 -37.38 25.82
C HIS C 277 25.39 -37.17 27.30
N SER C 278 24.91 -35.99 27.67
CA SER C 278 24.49 -35.79 29.06
C SER C 278 23.23 -36.56 29.38
N PHE C 279 22.39 -36.81 28.38
CA PHE C 279 21.10 -37.45 28.61
C PHE C 279 21.24 -38.95 28.44
N LEU C 285 16.57 -40.66 23.27
CA LEU C 285 16.51 -39.55 22.34
C LEU C 285 15.95 -38.29 22.99
N VAL C 286 16.22 -37.14 22.36
CA VAL C 286 15.76 -35.84 22.82
C VAL C 286 15.81 -34.91 21.61
N ARG C 288 16.95 -31.84 19.72
CA ARG C 288 17.98 -30.83 19.62
C ARG C 288 17.49 -29.67 18.76
N TRP C 289 18.11 -28.51 18.95
CA TRP C 289 17.92 -27.42 18.01
C TRP C 289 19.16 -27.13 17.19
N GLN C 295 22.97 -28.29 23.14
CA GLN C 295 22.06 -27.51 22.31
C GLN C 295 20.71 -28.19 22.23
N ILE C 296 20.15 -28.48 23.39
CA ILE C 296 18.86 -29.15 23.46
C ILE C 296 17.76 -28.10 23.49
N ALA C 297 16.72 -28.32 22.68
CA ALA C 297 15.67 -27.33 22.50
C ALA C 297 14.81 -27.19 23.75
N GLN C 298 14.54 -25.94 24.13
CA GLN C 298 13.77 -25.66 25.33
C GLN C 298 12.29 -25.85 25.05
N TRP C 299 11.53 -25.98 26.13
CA TRP C 299 10.08 -26.12 26.07
C TRP C 299 9.45 -25.37 27.24
N PRO C 300 8.25 -24.81 27.04
CA PRO C 300 7.60 -24.05 28.12
C PRO C 300 7.18 -24.93 29.27
N THR C 301 7.23 -24.35 30.47
CA THR C 301 6.86 -25.04 31.68
C THR C 301 5.34 -25.08 31.79
N ILE C 302 4.78 -26.30 31.77
CA ILE C 302 3.33 -26.43 31.75
C ILE C 302 2.78 -26.16 33.14
N SER C 303 1.81 -25.24 33.21
CA SER C 303 1.25 -24.76 34.47
C SER C 303 0.38 -25.85 35.07
N VAL C 304 1.02 -26.76 35.80
CA VAL C 304 0.36 -27.92 36.39
C VAL C 304 0.26 -27.68 37.89
N PRO C 305 -0.94 -27.64 38.47
CA PRO C 305 -1.07 -27.55 39.91
C PRO C 305 -0.75 -28.88 40.59
N ARG C 306 -0.92 -28.90 41.91
CA ARG C 306 -0.55 -30.07 42.68
C ARG C 306 -1.57 -31.20 42.49
N GLY C 307 -1.10 -32.32 41.95
CA GLY C 307 -1.92 -33.50 41.80
C GLY C 307 -2.42 -33.78 40.40
N GLU C 308 -1.68 -33.42 39.36
CA GLU C 308 -2.06 -33.69 37.98
C GLU C 308 -0.87 -34.30 37.23
N LEU C 309 -1.02 -34.40 35.92
CA LEU C 309 0.06 -34.77 35.02
C LEU C 309 -0.24 -34.15 33.66
N ALA C 310 0.80 -34.08 32.82
CA ALA C 310 0.68 -33.41 31.53
C ALA C 310 1.41 -34.21 30.45
N PHE C 311 0.80 -34.26 29.27
CA PHE C 311 1.44 -34.88 28.11
C PHE C 311 0.98 -34.14 26.87
N LEU C 312 1.69 -34.37 25.77
CA LEU C 312 1.55 -33.53 24.58
C LEU C 312 1.24 -34.37 23.36
N ARG C 313 0.32 -33.86 22.53
CA ARG C 313 -0.01 -34.50 21.25
C ARG C 313 -0.22 -33.39 20.23
N ILE C 314 0.47 -33.50 19.10
CA ILE C 314 0.66 -32.35 18.21
C ILE C 314 -0.65 -32.03 17.47
N LYS C 315 -0.83 -30.75 17.14
CA LYS C 315 -1.99 -30.37 16.34
C LYS C 315 -1.81 -30.77 14.89
N GLY C 323 12.03 -38.70 12.29
CA GLY C 323 13.11 -39.62 12.58
C GLY C 323 12.95 -40.88 11.77
N THR C 324 12.76 -42.01 12.47
CA THR C 324 12.25 -43.19 11.79
C THR C 324 10.74 -43.11 11.65
N GLN C 325 10.08 -42.36 12.52
CA GLN C 325 8.64 -42.16 12.48
C GLN C 325 8.35 -40.70 12.79
N PRO C 326 7.17 -40.21 12.39
CA PRO C 326 6.75 -38.89 12.90
C PRO C 326 6.48 -38.96 14.38
N TRP C 327 6.99 -37.98 15.11
CA TRP C 327 6.93 -37.94 16.57
C TRP C 327 5.78 -37.03 16.97
N ARG C 328 4.59 -37.60 17.05
CA ARG C 328 3.40 -36.81 17.38
C ARG C 328 3.17 -36.71 18.88
N THR C 329 3.99 -37.35 19.70
CA THR C 329 3.85 -37.33 21.15
C THR C 329 5.17 -36.88 21.77
N MET C 330 5.08 -36.12 22.86
CA MET C 330 6.28 -35.55 23.45
C MET C 330 6.02 -35.30 24.93
N VAL C 332 7.18 -33.20 28.44
CA VAL C 332 7.89 -32.07 29.03
C VAL C 332 8.29 -32.39 30.46
N TRP C 333 9.58 -32.20 30.76
CA TRP C 333 10.08 -32.35 32.12
C TRP C 333 11.33 -31.50 32.28
N PRO C 334 11.64 -30.97 33.47
CA PRO C 334 12.89 -30.22 33.63
C PRO C 334 14.11 -31.12 33.50
N SER C 335 15.05 -30.69 32.65
CA SER C 335 16.23 -31.51 32.36
C SER C 335 17.16 -31.60 33.55
N GLY C 336 17.29 -30.52 34.31
CA GLY C 336 18.31 -30.42 35.32
C GLY C 336 19.42 -29.45 34.99
N HIS C 337 19.44 -28.93 33.76
CA HIS C 337 20.41 -27.95 33.34
C HIS C 337 19.79 -26.56 33.22
N GLY C 338 18.64 -26.37 33.83
CA GLY C 338 18.00 -25.07 33.87
C GLY C 338 16.86 -24.86 32.90
N TYR C 339 16.56 -25.83 32.05
CA TYR C 339 15.52 -25.65 31.06
C TYR C 339 14.82 -26.98 30.80
N ASN C 340 13.58 -26.90 30.34
CA ASN C 340 12.79 -28.10 30.13
C ASN C 340 13.24 -28.84 28.88
N ILE C 341 12.92 -30.13 28.82
CA ILE C 341 13.12 -30.94 27.64
C ILE C 341 11.84 -31.68 27.32
N GLY C 342 11.69 -32.01 26.04
CA GLY C 342 10.61 -32.83 25.56
C GLY C 342 11.14 -34.09 24.94
N ILE C 343 10.79 -35.23 25.55
CA ILE C 343 11.31 -36.52 25.16
C ILE C 343 10.32 -37.13 24.16
N PRO C 344 10.78 -37.70 23.05
CA PRO C 344 9.84 -38.33 22.13
C PRO C 344 9.46 -39.70 22.61
N THR C 345 8.22 -40.10 22.30
CA THR C 345 7.74 -41.43 22.62
C THR C 345 7.17 -42.05 21.36
N TYR C 346 7.04 -43.38 21.39
CA TYR C 346 6.41 -44.11 20.31
C TYR C 346 4.94 -43.75 20.18
N ASN C 347 4.28 -43.49 21.30
CA ASN C 347 2.85 -43.24 21.31
C ASN C 347 2.52 -42.39 22.53
N ALA C 348 1.23 -42.06 22.66
CA ALA C 348 0.79 -41.31 23.82
C ALA C 348 0.69 -42.20 25.05
N GLU C 349 0.84 -43.52 24.88
CA GLU C 349 0.78 -44.43 26.00
C GLU C 349 2.08 -44.37 26.81
N ARG C 350 3.23 -44.49 26.14
CA ARG C 350 4.51 -44.34 26.82
C ARG C 350 4.68 -42.93 27.37
N ALA C 351 4.16 -41.93 26.66
CA ALA C 351 4.20 -40.56 27.15
C ALA C 351 3.35 -40.39 28.39
N ARG C 352 2.16 -41.00 28.39
CA ARG C 352 1.24 -40.80 29.49
C ARG C 352 1.70 -41.59 30.73
N ALA C 355 4.49 -39.60 32.15
CA ALA C 355 3.97 -38.51 32.96
C ALA C 355 3.36 -39.00 34.25
N GLN C 356 2.88 -40.25 34.26
CA GLN C 356 2.44 -40.86 35.52
C GLN C 356 3.63 -41.13 36.43
N HIS C 357 4.78 -41.47 35.86
CA HIS C 357 5.94 -41.74 36.70
C HIS C 357 6.58 -40.46 37.20
N LEU C 358 6.77 -39.47 36.31
CA LEU C 358 7.53 -38.29 36.65
C LEU C 358 6.76 -37.36 37.56
N TYR C 359 5.52 -37.02 37.19
CA TYR C 359 4.65 -36.27 38.09
C TYR C 359 4.28 -37.06 39.33
N GLY C 360 4.35 -38.39 39.27
CA GLY C 360 4.13 -39.24 40.42
C GLY C 360 5.31 -39.37 41.35
N GLY C 361 6.37 -38.59 41.14
CA GLY C 361 7.49 -38.59 42.06
C GLY C 361 8.77 -39.21 41.54
N GLY C 362 8.79 -39.66 40.29
CA GLY C 362 9.94 -40.33 39.75
C GLY C 362 11.02 -39.37 39.31
N SER C 363 11.94 -39.89 38.49
CA SER C 363 13.00 -39.08 37.93
C SER C 363 13.41 -39.72 36.60
N LEU C 364 14.26 -39.00 35.85
CA LEU C 364 14.62 -39.46 34.53
C LEU C 364 15.61 -40.62 34.58
N THR C 365 16.38 -40.72 35.66
CA THR C 365 17.35 -41.80 35.82
C THR C 365 16.72 -43.10 36.31
N ASP C 366 15.40 -43.13 36.49
CA ASP C 366 14.74 -44.35 36.90
C ASP C 366 14.75 -45.38 35.77
N GLU C 367 14.84 -46.65 36.15
CA GLU C 367 14.75 -47.73 35.18
C GLU C 367 13.36 -47.78 34.53
N LYS C 368 12.32 -47.48 35.31
CA LYS C 368 10.98 -47.32 34.76
C LYS C 368 10.94 -46.23 33.70
N ALA C 369 11.59 -45.10 33.97
CA ALA C 369 11.66 -44.02 33.00
C ALA C 369 12.49 -44.39 31.80
N LYS C 370 13.61 -45.08 32.02
CA LYS C 370 14.51 -45.41 30.92
C LYS C 370 13.92 -46.47 30.00
N GLN C 371 13.04 -47.33 30.53
CA GLN C 371 12.31 -48.25 29.65
C GLN C 371 11.28 -47.50 28.81
N LEU C 372 10.63 -46.48 29.39
CA LEU C 372 9.61 -45.74 28.67
C LEU C 372 10.20 -44.84 27.60
N PHE C 373 11.49 -44.55 27.68
CA PHE C 373 12.14 -43.69 26.70
C PHE C 373 12.33 -44.42 25.39
N VAL C 374 12.53 -43.65 24.34
CA VAL C 374 12.83 -44.21 23.02
C VAL C 374 14.33 -44.38 22.88
N PRO C 375 14.82 -45.56 22.47
CA PRO C 375 16.26 -45.75 22.32
C PRO C 375 16.84 -44.95 21.16
N ALA C 376 18.18 -44.91 21.11
CA ALA C 376 18.87 -43.95 20.24
C ALA C 376 18.74 -44.30 18.76
N ASN C 377 18.57 -45.59 18.44
CA ASN C 377 18.50 -46.09 17.06
C ASN C 377 17.36 -45.48 16.25
N GLN C 378 16.33 -44.99 16.92
CA GLN C 378 15.20 -44.33 16.27
C GLN C 378 15.48 -42.88 15.91
N GLN C 379 16.75 -42.45 15.93
CA GLN C 379 17.07 -41.10 15.46
C GLN C 379 16.84 -40.97 13.96
N GLY C 380 17.28 -41.96 13.19
CA GLY C 380 17.03 -42.01 11.77
C GLY C 380 17.77 -40.93 11.00
N PRO C 381 17.23 -40.57 9.82
CA PRO C 381 17.81 -39.45 9.07
C PRO C 381 17.59 -38.11 9.76
N GLY C 382 16.57 -38.02 10.59
CA GLY C 382 16.39 -36.84 11.42
C GLY C 382 15.92 -35.61 10.68
N LYS C 383 14.82 -35.70 9.96
CA LYS C 383 14.28 -34.51 9.34
C LYS C 383 13.59 -33.63 10.37
N VAL C 384 13.84 -32.33 10.27
CA VAL C 384 13.45 -31.40 11.33
C VAL C 384 11.95 -31.12 11.25
N SER C 385 11.43 -30.46 12.29
CA SER C 385 10.04 -30.06 12.28
C SER C 385 9.85 -28.83 11.41
N ASN C 386 8.62 -28.63 10.94
CA ASN C 386 8.34 -27.45 10.14
C ASN C 386 8.12 -26.24 11.05
N GLY C 387 9.18 -25.50 11.31
CA GLY C 387 9.07 -24.29 12.10
C GLY C 387 8.89 -24.59 13.57
N ASN C 388 7.87 -23.99 14.16
CA ASN C 388 7.53 -24.19 15.57
C ASN C 388 6.13 -24.78 15.60
N PRO C 389 6.02 -26.11 15.48
CA PRO C 389 4.68 -26.72 15.38
C PRO C 389 3.95 -26.68 16.71
N VAL C 390 2.71 -26.18 16.65
CA VAL C 390 1.91 -26.02 17.86
C VAL C 390 1.46 -27.39 18.36
N TRP C 391 1.96 -27.76 19.53
CA TRP C 391 1.57 -28.99 20.19
C TRP C 391 0.23 -28.78 20.88
N GLU C 392 -0.35 -29.88 21.36
CA GLU C 392 -1.57 -29.82 22.15
C GLU C 392 -1.27 -30.26 23.57
N VAL C 393 -1.64 -29.42 24.52
CA VAL C 393 -1.37 -29.63 25.94
C VAL C 393 -2.54 -30.44 26.48
N MET C 394 -2.32 -31.73 26.68
CA MET C 394 -3.30 -32.55 27.37
C MET C 394 -2.97 -32.63 28.85
N ARG C 395 -3.93 -32.23 29.68
CA ARG C 395 -3.80 -32.24 31.12
C ARG C 395 -4.67 -33.34 31.70
N ALA C 396 -4.06 -34.25 32.46
CA ALA C 396 -4.77 -35.42 32.95
C ALA C 396 -4.65 -35.51 34.46
N PRO C 397 -5.66 -36.08 35.13
CA PRO C 397 -5.57 -36.20 36.59
C PRO C 397 -4.64 -37.32 37.02
N LEU C 398 -4.05 -37.15 38.19
CA LEU C 398 -3.10 -38.11 38.72
C LEU C 398 -3.73 -38.94 39.83
#